data_6GWI
#
_entry.id   6GWI
#
_cell.length_a   56.344
_cell.length_b   61.875
_cell.length_c   67.475
_cell.angle_alpha   83.450
_cell.angle_beta   82.580
_cell.angle_gamma   72.520
#
_symmetry.space_group_name_H-M   'P 1'
#
loop_
_entity.id
_entity.type
_entity.pdbx_description
1 polymer 'Putrescine aminotransferase'
2 non-polymer "PYRIDOXAL-5'-PHOSPHATE"
3 non-polymer 1,2-ETHANEDIOL
4 non-polymer 'CHLORIDE ION'
5 water water
#
_entity_poly.entity_id   1
_entity_poly.type   'polypeptide(L)'
_entity_poly.pdbx_seq_one_letter_code
;GMQTQDYQALDRAHHLHPFTDFKALGEEGSRVVTHAEGVYIHDSEGNRILDGMAGLWCVNLGYGRRELVEAATAQLEQLP
YYNTFFKTTHPPAVRLAEKLCDLAPAHINRVFFTGSGSEANDTVLRMVRRYWALKGQPDKQWIIGRENAYHGSTLAGMSL
GGMAPMHAQGGPCVPGIAHIRQPYWFGEGRDMSPEAFGQTCAEALEEKILELGEEKVAAFIAEPVQGAGGAIMPPESYWP
AVKKVLAKYDILLVADEVICGFGRLGEWFGSQHYGLEPDLMPIAKGLSSGYLPIGGVLVGDRVAETLIEEGGEFFHGFTY
SGHPTCAAVALKNLELLEAEGVVDRVRDDLGPYLAERWASLVDHPIVGEARSLGLMGALELVADKTTGQRFDKSLGAGNL
CRDLCFANGLVMRSVGDTMIISPPLVIRREEIDELVELARRALDETARQLTQVPHTQEEPTA
;
_entity_poly.pdbx_strand_id   A,B
#
# COMPACT_ATOMS: atom_id res chain seq x y z
N GLN A 3 15.10 -26.43 7.25
CA GLN A 3 14.35 -27.28 8.17
C GLN A 3 13.17 -26.52 8.79
N THR A 4 12.08 -27.24 9.08
CA THR A 4 10.88 -26.59 9.59
C THR A 4 11.14 -25.84 10.90
N GLN A 5 11.72 -26.52 11.89
CA GLN A 5 11.89 -25.87 13.19
C GLN A 5 12.90 -24.73 13.11
N ASP A 6 13.84 -24.79 12.16
CA ASP A 6 14.76 -23.67 11.96
C ASP A 6 14.01 -22.46 11.41
N TYR A 7 13.21 -22.66 10.36
CA TYR A 7 12.35 -21.59 9.86
C TYR A 7 11.52 -21.00 10.98
N GLN A 8 10.89 -21.86 11.79
CA GLN A 8 9.98 -21.39 12.83
C GLN A 8 10.70 -20.52 13.85
N ALA A 9 11.92 -20.90 14.24
CA ALA A 9 12.65 -20.14 15.26
C ALA A 9 13.06 -18.77 14.73
N LEU A 10 13.61 -18.73 13.52
CA LEU A 10 13.94 -17.43 12.91
C LEU A 10 12.69 -16.57 12.75
N ASP A 11 11.60 -17.17 12.27
CA ASP A 11 10.36 -16.43 12.08
C ASP A 11 9.84 -15.85 13.39
N ARG A 12 9.86 -16.67 14.44
CA ARG A 12 9.43 -16.20 15.76
C ARG A 12 10.27 -15.02 16.23
N ALA A 13 11.56 -15.03 15.92
CA ALA A 13 12.47 -14.03 16.47
C ALA A 13 12.26 -12.65 15.84
N HIS A 14 11.84 -12.59 14.57
CA HIS A 14 11.96 -11.35 13.82
C HIS A 14 10.73 -10.92 13.03
N HIS A 15 9.74 -11.79 12.82
CA HIS A 15 8.67 -11.54 11.86
C HIS A 15 7.34 -11.39 12.58
N LEU A 16 6.73 -10.21 12.46
CA LEU A 16 5.41 -9.94 13.01
C LEU A 16 4.38 -10.10 11.90
N HIS A 17 3.54 -11.13 12.00
CA HIS A 17 2.59 -11.46 10.94
C HIS A 17 1.36 -10.56 10.97
N PRO A 18 0.71 -10.38 9.81
CA PRO A 18 -0.60 -9.72 9.80
C PRO A 18 -1.65 -10.49 10.59
N PHE A 19 -2.58 -9.76 11.18
CA PHE A 19 -3.76 -10.32 11.87
C PHE A 19 -3.40 -11.58 12.66
N THR A 20 -2.46 -11.42 13.59
CA THR A 20 -1.90 -12.57 14.29
C THR A 20 -1.76 -12.27 15.78
N ASP A 21 -2.07 -13.29 16.58
CA ASP A 21 -1.75 -13.30 18.01
C ASP A 21 -0.28 -13.69 18.10
N PHE A 22 0.59 -12.68 18.16
CA PHE A 22 2.03 -12.91 18.05
C PHE A 22 2.49 -13.92 19.09
N LYS A 23 2.07 -13.76 20.34
CA LYS A 23 2.54 -14.63 21.40
C LYS A 23 2.07 -16.06 21.19
N ALA A 24 0.77 -16.24 20.92
CA ALA A 24 0.23 -17.59 20.74
C ALA A 24 0.91 -18.31 19.58
N LEU A 25 1.06 -17.63 18.45
CA LEU A 25 1.67 -18.28 17.29
C LEU A 25 3.14 -18.61 17.55
N GLY A 26 3.86 -17.73 18.24
CA GLY A 26 5.22 -18.06 18.60
C GLY A 26 5.31 -19.32 19.43
N GLU A 27 4.32 -19.54 20.29
CA GLU A 27 4.28 -20.73 21.14
C GLU A 27 3.87 -21.98 20.35
N GLU A 28 3.02 -21.82 19.34
CA GLU A 28 2.52 -22.95 18.56
C GLU A 28 3.42 -23.29 17.37
N GLY A 29 4.14 -22.31 16.83
CA GLY A 29 4.98 -22.56 15.69
C GLY A 29 4.26 -22.26 14.40
N SER A 30 4.84 -21.39 13.57
CA SER A 30 4.22 -21.00 12.31
C SER A 30 4.26 -22.16 11.33
N ARG A 31 3.22 -22.26 10.50
CA ARG A 31 3.31 -23.06 9.30
C ARG A 31 4.21 -22.36 8.28
N VAL A 32 4.93 -23.16 7.49
CA VAL A 32 5.88 -22.64 6.51
C VAL A 32 5.50 -23.18 5.15
N VAL A 33 4.96 -22.31 4.29
CA VAL A 33 4.56 -22.69 2.94
C VAL A 33 5.74 -22.38 2.00
N THR A 34 6.12 -23.36 1.18
CA THR A 34 7.36 -23.27 0.42
C THR A 34 7.20 -23.40 -1.08
N HIS A 35 6.16 -24.06 -1.58
CA HIS A 35 5.96 -24.27 -3.02
CA HIS A 35 5.93 -24.09 -3.02
C HIS A 35 4.48 -24.46 -3.29
N ALA A 36 4.10 -24.28 -4.56
CA ALA A 36 2.71 -24.44 -4.97
C ALA A 36 2.64 -24.66 -6.48
N GLU A 37 1.59 -25.37 -6.91
CA GLU A 37 1.30 -25.53 -8.33
C GLU A 37 -0.19 -25.85 -8.47
N GLY A 38 -0.81 -25.34 -9.52
CA GLY A 38 -2.23 -25.59 -9.72
C GLY A 38 -3.04 -24.96 -8.61
N VAL A 39 -3.88 -25.76 -7.96
CA VAL A 39 -4.69 -25.30 -6.84
C VAL A 39 -4.15 -25.78 -5.50
N TYR A 40 -2.90 -26.25 -5.46
CA TYR A 40 -2.33 -26.87 -4.27
C TYR A 40 -1.13 -26.08 -3.75
N ILE A 41 -1.00 -26.01 -2.43
CA ILE A 41 0.18 -25.45 -1.79
C ILE A 41 0.91 -26.57 -1.07
N HIS A 42 2.19 -26.35 -0.79
CA HIS A 42 3.03 -27.31 -0.10
C HIS A 42 3.78 -26.62 1.04
N ASP A 43 3.92 -27.32 2.17
CA ASP A 43 4.58 -26.75 3.33
C ASP A 43 5.91 -27.46 3.58
N SER A 44 6.68 -26.90 4.52
CA SER A 44 8.04 -27.38 4.78
C SER A 44 8.06 -28.81 5.31
N GLU A 45 6.93 -29.34 5.76
CA GLU A 45 6.86 -30.72 6.19
C GLU A 45 6.47 -31.67 5.06
N GLY A 46 6.27 -31.16 3.84
CA GLY A 46 5.96 -31.98 2.70
C GLY A 46 4.47 -32.18 2.43
N ASN A 47 3.60 -31.54 3.19
CA ASN A 47 2.17 -31.71 2.99
C ASN A 47 1.71 -30.96 1.76
N ARG A 48 0.84 -31.60 0.98
CA ARG A 48 0.12 -30.95 -0.10
C ARG A 48 -1.27 -30.61 0.42
N ILE A 49 -1.69 -29.36 0.23
CA ILE A 49 -2.97 -28.89 0.74
C ILE A 49 -3.73 -28.27 -0.43
N LEU A 50 -5.00 -28.64 -0.56
CA LEU A 50 -5.89 -28.02 -1.54
C LEU A 50 -6.21 -26.60 -1.08
N ASP A 51 -5.76 -25.60 -1.82
CA ASP A 51 -5.93 -24.22 -1.39
C ASP A 51 -7.31 -23.74 -1.77
N GLY A 52 -8.29 -24.02 -0.91
CA GLY A 52 -9.65 -23.56 -1.13
C GLY A 52 -9.86 -22.06 -0.99
N MET A 53 -8.82 -21.31 -0.64
CA MET A 53 -8.90 -19.86 -0.53
C MET A 53 -8.06 -19.10 -1.55
N ALA A 54 -7.42 -19.79 -2.49
CA ALA A 54 -6.61 -19.15 -3.53
C ALA A 54 -5.67 -18.09 -2.96
N GLY A 55 -4.78 -18.54 -2.07
CA GLY A 55 -3.88 -17.61 -1.39
C GLY A 55 -4.64 -16.81 -0.35
N LEU A 56 -5.14 -15.64 -0.75
CA LEU A 56 -6.04 -14.84 0.06
C LEU A 56 -7.06 -14.21 -0.90
N TRP A 57 -7.94 -15.07 -1.43
CA TRP A 57 -8.98 -14.68 -2.38
C TRP A 57 -8.42 -14.15 -3.69
N CYS A 58 -7.18 -14.44 -4.03
CA CYS A 58 -6.52 -13.66 -5.08
C CYS A 58 -5.86 -14.48 -6.18
N VAL A 59 -5.48 -15.73 -5.94
CA VAL A 59 -4.74 -16.48 -6.96
C VAL A 59 -5.73 -17.12 -7.93
N ASN A 60 -6.33 -16.29 -8.79
CA ASN A 60 -7.44 -16.75 -9.62
C ASN A 60 -7.00 -17.72 -10.70
N LEU A 61 -5.86 -17.47 -11.34
CA LEU A 61 -5.35 -18.40 -12.35
C LEU A 61 -4.56 -19.55 -11.73
N GLY A 62 -4.59 -19.70 -10.42
CA GLY A 62 -3.89 -20.79 -9.78
C GLY A 62 -2.39 -20.59 -9.81
N TYR A 63 -1.65 -21.48 -9.14
CA TYR A 63 -0.20 -21.40 -9.06
C TYR A 63 0.45 -22.09 -10.25
N GLY A 64 1.67 -21.65 -10.58
CA GLY A 64 2.44 -22.29 -11.63
C GLY A 64 2.17 -21.79 -13.03
N ARG A 65 1.64 -20.58 -13.17
CA ARG A 65 1.33 -20.04 -14.50
C ARG A 65 2.63 -19.50 -15.11
N ARG A 66 3.20 -20.27 -16.03
CA ARG A 66 4.46 -19.91 -16.66
C ARG A 66 4.38 -18.54 -17.32
N GLU A 67 3.24 -18.20 -17.91
CA GLU A 67 3.13 -16.95 -18.65
C GLU A 67 3.27 -15.74 -17.74
N LEU A 68 2.74 -15.80 -16.52
CA LEU A 68 2.90 -14.69 -15.60
C LEU A 68 4.35 -14.54 -15.16
N VAL A 69 5.05 -15.66 -14.96
CA VAL A 69 6.46 -15.59 -14.61
C VAL A 69 7.25 -14.92 -15.73
N GLU A 70 7.00 -15.34 -16.97
CA GLU A 70 7.74 -14.77 -18.10
C GLU A 70 7.41 -13.30 -18.26
N ALA A 71 6.15 -12.91 -18.02
CA ALA A 71 5.79 -11.51 -18.12
C ALA A 71 6.59 -10.67 -17.12
N ALA A 72 6.76 -11.19 -15.91
CA ALA A 72 7.53 -10.48 -14.89
C ALA A 72 9.00 -10.40 -15.29
N THR A 73 9.58 -11.52 -15.72
CA THR A 73 10.99 -11.54 -16.08
C THR A 73 11.27 -10.55 -17.22
N ALA A 74 10.43 -10.55 -18.25
CA ALA A 74 10.69 -9.69 -19.40
C ALA A 74 10.64 -8.21 -19.00
N GLN A 75 9.68 -7.82 -18.17
CA GLN A 75 9.58 -6.43 -17.79
C GLN A 75 10.72 -6.03 -16.85
N LEU A 76 11.13 -6.93 -15.95
CA LEU A 76 12.24 -6.63 -15.06
C LEU A 76 13.53 -6.39 -15.84
N GLU A 77 13.69 -7.08 -16.97
CA GLU A 77 14.86 -6.90 -17.81
C GLU A 77 14.76 -5.65 -18.67
N GLN A 78 13.54 -5.20 -18.97
CA GLN A 78 13.29 -4.05 -19.84
C GLN A 78 13.29 -2.75 -19.03
N LEU A 79 12.39 -2.68 -18.06
CA LEU A 79 12.23 -1.49 -17.22
C LEU A 79 11.64 -1.99 -15.91
N PRO A 80 12.49 -2.36 -14.94
CA PRO A 80 11.94 -2.95 -13.72
C PRO A 80 11.09 -1.98 -12.93
N TYR A 81 11.50 -0.71 -12.87
CA TYR A 81 10.72 0.32 -12.20
C TYR A 81 10.97 1.67 -12.88
N TYR A 82 9.91 2.46 -12.97
CA TYR A 82 10.06 3.90 -13.08
C TYR A 82 8.77 4.54 -12.58
N ASN A 83 8.88 5.80 -12.16
CA ASN A 83 7.74 6.45 -11.53
C ASN A 83 6.80 7.03 -12.59
N THR A 84 5.55 7.20 -12.19
CA THR A 84 4.56 7.91 -12.98
C THR A 84 4.28 9.31 -12.42
N PHE A 85 5.23 9.85 -11.64
CA PHE A 85 5.11 11.17 -11.02
C PHE A 85 5.57 12.30 -11.94
N PHE A 86 6.66 12.10 -12.67
CA PHE A 86 7.38 13.22 -13.31
C PHE A 86 6.81 13.54 -14.68
N LYS A 87 5.50 13.77 -14.79
CA LYS A 87 4.84 13.86 -16.08
C LYS A 87 5.27 12.68 -16.96
N THR A 88 5.33 11.50 -16.35
CA THR A 88 5.86 10.32 -17.01
C THR A 88 4.88 9.16 -16.91
N THR A 89 4.93 8.29 -17.91
CA THR A 89 4.29 7.00 -17.85
C THR A 89 5.23 5.97 -18.47
N HIS A 90 4.77 4.73 -18.57
CA HIS A 90 5.53 3.68 -19.22
C HIS A 90 4.56 2.72 -19.88
N PRO A 91 5.04 1.89 -20.81
CA PRO A 91 4.12 1.07 -21.64
C PRO A 91 3.22 0.16 -20.81
N PRO A 92 3.73 -0.49 -19.75
CA PRO A 92 2.84 -1.36 -18.97
C PRO A 92 1.65 -0.64 -18.35
N ALA A 93 1.87 0.53 -17.75
CA ALA A 93 0.75 1.29 -17.19
C ALA A 93 -0.26 1.65 -18.27
N VAL A 94 0.22 2.08 -19.44
CA VAL A 94 -0.68 2.47 -20.52
C VAL A 94 -1.55 1.30 -20.94
N ARG A 95 -0.92 0.16 -21.25
CA ARG A 95 -1.66 -0.99 -21.75
C ARG A 95 -2.58 -1.58 -20.69
N LEU A 96 -2.13 -1.60 -19.43
CA LEU A 96 -2.98 -2.12 -18.37
C LEU A 96 -4.20 -1.24 -18.16
N ALA A 97 -4.01 0.08 -18.15
CA ALA A 97 -5.15 0.97 -17.99
C ALA A 97 -6.15 0.78 -19.12
N GLU A 98 -5.67 0.64 -20.36
CA GLU A 98 -6.57 0.40 -21.48
C GLU A 98 -7.38 -0.88 -21.27
N LYS A 99 -6.69 -2.00 -21.01
CA LYS A 99 -7.38 -3.28 -20.86
C LYS A 99 -8.36 -3.27 -19.70
N LEU A 100 -7.96 -2.69 -18.58
CA LEU A 100 -8.82 -2.66 -17.42
C LEU A 100 -10.09 -1.89 -17.63
N CYS A 101 -9.97 -0.72 -18.21
CA CYS A 101 -11.15 0.09 -18.46
C CYS A 101 -12.04 -0.51 -19.53
N ASP A 102 -11.46 -1.26 -20.48
CA ASP A 102 -12.28 -1.94 -21.46
C ASP A 102 -13.16 -3.02 -20.82
N LEU A 103 -12.69 -3.61 -19.73
CA LEU A 103 -13.45 -4.63 -19.01
C LEU A 103 -14.42 -4.06 -17.98
N ALA A 104 -14.26 -2.80 -17.58
CA ALA A 104 -15.06 -2.19 -16.52
C ALA A 104 -16.49 -1.90 -16.98
N PRO A 105 -17.40 -1.66 -16.05
CA PRO A 105 -18.76 -1.24 -16.42
C PRO A 105 -18.75 0.04 -17.24
N ALA A 106 -19.92 0.40 -17.76
CA ALA A 106 -20.03 1.58 -18.61
C ALA A 106 -19.63 2.84 -17.84
N HIS A 107 -18.98 3.76 -18.56
CA HIS A 107 -18.60 5.08 -18.05
C HIS A 107 -17.54 5.00 -16.96
N ILE A 108 -16.89 3.86 -16.86
CA ILE A 108 -15.72 3.68 -16.01
C ILE A 108 -14.57 3.48 -16.97
N ASN A 109 -13.85 4.58 -17.25
CA ASN A 109 -12.84 4.63 -18.31
C ASN A 109 -11.46 5.06 -17.83
N ARG A 110 -11.27 5.26 -16.53
CA ARG A 110 -9.97 5.71 -16.03
C ARG A 110 -9.62 4.92 -14.78
N VAL A 111 -8.32 4.81 -14.52
CA VAL A 111 -7.82 4.09 -13.36
C VAL A 111 -6.70 4.87 -12.72
N PHE A 112 -6.72 4.89 -11.38
CA PHE A 112 -5.61 5.37 -10.56
C PHE A 112 -4.99 4.15 -9.91
N PHE A 113 -3.71 3.92 -10.18
CA PHE A 113 -3.05 2.71 -9.68
C PHE A 113 -2.53 2.90 -8.27
N THR A 114 -2.58 1.82 -7.48
CA THR A 114 -2.05 1.75 -6.14
C THR A 114 -1.33 0.42 -5.97
N GLY A 115 -0.85 0.14 -4.76
CA GLY A 115 -0.17 -1.11 -4.50
C GLY A 115 -1.05 -2.16 -3.85
N SER A 116 -2.17 -1.75 -3.27
CA SER A 116 -2.98 -2.64 -2.45
C SER A 116 -4.44 -2.21 -2.50
N GLY A 117 -5.31 -3.12 -2.04
CA GLY A 117 -6.70 -2.76 -1.87
C GLY A 117 -6.91 -1.75 -0.78
N SER A 118 -6.06 -1.78 0.26
CA SER A 118 -6.16 -0.77 1.32
C SER A 118 -5.84 0.61 0.77
N GLU A 119 -4.72 0.76 0.07
CA GLU A 119 -4.37 2.05 -0.52
C GLU A 119 -5.41 2.51 -1.53
N ALA A 120 -6.05 1.56 -2.23
CA ALA A 120 -7.13 1.94 -3.14
C ALA A 120 -8.29 2.59 -2.39
N ASN A 121 -8.64 2.06 -1.21
CA ASN A 121 -9.73 2.67 -0.45
C ASN A 121 -9.33 4.01 0.16
N ASP A 122 -8.05 4.20 0.49
CA ASP A 122 -7.59 5.56 0.83
C ASP A 122 -7.76 6.50 -0.35
N THR A 123 -7.40 6.04 -1.55
CA THR A 123 -7.60 6.83 -2.75
C THR A 123 -9.09 7.13 -2.97
N VAL A 124 -9.94 6.13 -2.79
CA VAL A 124 -11.39 6.35 -2.86
C VAL A 124 -11.81 7.48 -1.92
N LEU A 125 -11.37 7.40 -0.66
CA LEU A 125 -11.83 8.35 0.35
C LEU A 125 -11.42 9.77 -0.01
N ARG A 126 -10.15 9.97 -0.41
CA ARG A 126 -9.70 11.31 -0.76
C ARG A 126 -10.38 11.79 -2.04
N MET A 127 -10.60 10.86 -2.99
CA MET A 127 -11.27 11.23 -4.23
C MET A 127 -12.72 11.64 -3.97
N VAL A 128 -13.43 10.89 -3.13
CA VAL A 128 -14.83 11.20 -2.86
C VAL A 128 -14.95 12.59 -2.25
N ARG A 129 -14.10 12.88 -1.26
CA ARG A 129 -14.19 14.12 -0.52
C ARG A 129 -13.62 15.30 -1.30
N ARG A 130 -12.57 15.06 -2.10
CA ARG A 130 -12.11 16.09 -3.02
C ARG A 130 -13.18 16.41 -4.07
N TYR A 131 -13.86 15.38 -4.57
CA TYR A 131 -14.91 15.58 -5.56
C TYR A 131 -15.96 16.55 -5.07
N TRP A 132 -16.57 16.27 -3.91
CA TRP A 132 -17.66 17.11 -3.42
C TRP A 132 -17.18 18.50 -3.05
N ALA A 133 -15.93 18.62 -2.58
CA ALA A 133 -15.37 19.95 -2.36
C ALA A 133 -15.32 20.75 -3.64
N LEU A 134 -14.92 20.11 -4.75
CA LEU A 134 -14.86 20.80 -6.03
C LEU A 134 -16.25 21.14 -6.55
N LYS A 135 -17.26 20.36 -6.15
CA LYS A 135 -18.66 20.67 -6.48
C LYS A 135 -19.21 21.80 -5.63
N GLY A 136 -18.42 22.38 -4.74
CA GLY A 136 -18.91 23.41 -3.85
C GLY A 136 -19.65 22.92 -2.64
N GLN A 137 -19.50 21.66 -2.26
CA GLN A 137 -20.17 21.09 -1.08
C GLN A 137 -19.13 20.42 -0.18
N PRO A 138 -18.26 21.22 0.45
CA PRO A 138 -17.17 20.64 1.24
C PRO A 138 -17.63 19.98 2.53
N ASP A 139 -18.86 20.21 2.97
CA ASP A 139 -19.43 19.53 4.12
C ASP A 139 -20.16 18.25 3.74
N LYS A 140 -20.24 17.94 2.48
CA LYS A 140 -20.83 16.71 2.01
C LYS A 140 -19.67 15.71 2.04
N GLN A 141 -19.41 15.21 3.21
CA GLN A 141 -18.28 14.37 3.55
C GLN A 141 -18.54 12.97 4.12
N TRP A 142 -19.71 12.72 4.65
CA TRP A 142 -19.94 11.46 5.33
C TRP A 142 -19.97 10.30 4.35
N ILE A 143 -19.30 9.22 4.72
CA ILE A 143 -19.30 7.97 3.97
C ILE A 143 -20.09 6.96 4.79
N ILE A 144 -21.06 6.31 4.17
CA ILE A 144 -21.86 5.29 4.84
C ILE A 144 -21.33 3.93 4.38
N GLY A 145 -20.76 3.19 5.31
CA GLY A 145 -20.43 1.80 5.10
C GLY A 145 -21.39 0.89 5.86
N ARG A 146 -21.00 -0.38 5.96
CA ARG A 146 -21.83 -1.37 6.63
C ARG A 146 -21.05 -2.05 7.74
N GLU A 147 -21.79 -2.41 8.79
CA GLU A 147 -21.22 -3.24 9.85
C GLU A 147 -20.70 -4.54 9.25
N ASN A 148 -19.58 -5.02 9.78
CA ASN A 148 -18.95 -6.25 9.30
C ASN A 148 -18.43 -6.13 7.88
N ALA A 149 -18.27 -4.90 7.39
CA ALA A 149 -17.61 -4.67 6.12
C ALA A 149 -16.10 -4.70 6.29
N TYR A 150 -15.39 -5.02 5.22
CA TYR A 150 -13.93 -4.97 5.23
C TYR A 150 -13.47 -4.16 4.03
N HIS A 151 -12.73 -3.08 4.31
CA HIS A 151 -12.23 -2.20 3.26
C HIS A 151 -10.74 -1.94 3.41
N GLY A 152 -10.02 -2.81 4.11
CA GLY A 152 -8.58 -2.73 4.21
C GLY A 152 -8.11 -2.43 5.62
N SER A 153 -6.80 -2.17 5.71
CA SER A 153 -6.12 -2.13 7.00
C SER A 153 -5.27 -0.88 7.18
N THR A 154 -5.32 0.06 6.24
CA THR A 154 -4.87 1.40 6.55
C THR A 154 -5.82 2.03 7.56
N LEU A 155 -5.45 3.21 8.05
CA LEU A 155 -6.36 3.93 8.94
C LEU A 155 -7.67 4.21 8.22
N ALA A 156 -7.60 4.65 6.96
CA ALA A 156 -8.81 4.89 6.18
C ALA A 156 -9.59 3.59 5.97
N GLY A 157 -8.92 2.53 5.53
CA GLY A 157 -9.61 1.28 5.27
C GLY A 157 -10.28 0.71 6.50
N MET A 158 -9.57 0.76 7.64
CA MET A 158 -10.12 0.29 8.90
C MET A 158 -11.31 1.13 9.34
N SER A 159 -11.24 2.46 9.13
CA SER A 159 -12.38 3.31 9.46
C SER A 159 -13.57 3.02 8.55
N LEU A 160 -13.31 2.79 7.26
CA LEU A 160 -14.39 2.46 6.32
C LEU A 160 -15.00 1.11 6.62
N GLY A 161 -14.19 0.14 7.07
CA GLY A 161 -14.70 -1.15 7.44
C GLY A 161 -15.56 -1.08 8.68
N GLY A 162 -16.27 -2.19 8.94
CA GLY A 162 -17.16 -2.28 10.07
C GLY A 162 -16.77 -3.33 11.09
N MET A 163 -15.46 -3.57 11.24
CA MET A 163 -14.95 -4.60 12.14
C MET A 163 -14.62 -3.97 13.49
N ALA A 164 -15.41 -4.29 14.51
CA ALA A 164 -15.17 -3.73 15.83
C ALA A 164 -13.79 -4.08 16.38
N PRO A 165 -13.27 -5.29 16.23
CA PRO A 165 -11.92 -5.55 16.76
C PRO A 165 -10.86 -4.70 16.08
N MET A 166 -11.06 -4.31 14.82
CA MET A 166 -10.13 -3.39 14.17
C MET A 166 -10.30 -1.98 14.71
N HIS A 167 -11.55 -1.50 14.79
CA HIS A 167 -11.79 -0.16 15.30
C HIS A 167 -11.22 0.02 16.70
N ALA A 168 -11.11 -1.07 17.46
CA ALA A 168 -10.65 -0.99 18.84
C ALA A 168 -9.14 -0.90 18.96
N GLN A 169 -8.39 -0.85 17.86
CA GLN A 169 -6.94 -0.89 17.92
C GLN A 169 -6.36 0.18 17.00
N GLY A 170 -5.66 1.15 17.59
CA GLY A 170 -4.95 2.15 16.84
C GLY A 170 -5.75 3.35 16.40
N GLY A 171 -6.99 3.50 16.90
CA GLY A 171 -7.76 4.67 16.61
C GLY A 171 -7.22 5.89 17.33
N PRO A 172 -7.90 7.04 17.18
CA PRO A 172 -9.17 7.31 16.51
C PRO A 172 -9.22 7.07 15.00
N CYS A 173 -10.42 6.77 14.52
CA CYS A 173 -10.67 6.55 13.11
C CYS A 173 -10.70 7.87 12.34
N VAL A 174 -10.64 7.76 11.02
CA VAL A 174 -10.90 8.93 10.17
C VAL A 174 -12.31 9.43 10.45
N PRO A 175 -12.53 10.74 10.62
CA PRO A 175 -13.87 11.23 10.92
C PRO A 175 -14.83 11.04 9.76
N GLY A 176 -16.12 11.05 10.09
CA GLY A 176 -17.15 11.13 9.08
C GLY A 176 -17.51 9.83 8.39
N ILE A 177 -17.43 8.70 9.08
CA ILE A 177 -17.84 7.41 8.54
C ILE A 177 -18.99 6.87 9.40
N ALA A 178 -20.10 6.56 8.76
CA ALA A 178 -21.22 5.89 9.42
C ALA A 178 -21.31 4.44 8.94
N HIS A 179 -22.00 3.63 9.73
CA HIS A 179 -22.11 2.21 9.44
C HIS A 179 -23.54 1.77 9.65
N ILE A 180 -24.13 1.16 8.63
CA ILE A 180 -25.48 0.63 8.70
C ILE A 180 -25.41 -0.88 8.75
N ARG A 181 -26.56 -1.51 9.01
CA ARG A 181 -26.58 -2.95 9.18
C ARG A 181 -26.26 -3.66 7.87
N GLN A 182 -25.78 -4.93 8.01
CA GLN A 182 -25.35 -5.77 6.92
C GLN A 182 -26.48 -6.70 6.48
N PRO A 183 -26.57 -7.01 5.18
CA PRO A 183 -27.62 -7.92 4.68
C PRO A 183 -27.26 -9.38 4.88
N TYR A 184 -27.05 -9.76 6.13
CA TYR A 184 -26.65 -11.11 6.53
C TYR A 184 -27.91 -11.82 7.02
N TRP A 185 -28.58 -12.54 6.12
CA TRP A 185 -29.87 -13.10 6.48
C TRP A 185 -29.74 -14.15 7.58
N PHE A 186 -28.79 -15.08 7.43
CA PHE A 186 -28.72 -16.17 8.39
C PHE A 186 -28.43 -15.67 9.79
N GLY A 187 -27.49 -14.74 9.94
CA GLY A 187 -27.10 -14.28 11.26
C GLY A 187 -28.05 -13.26 11.86
N GLU A 188 -28.70 -12.44 11.04
CA GLU A 188 -29.40 -11.27 11.53
C GLU A 188 -30.80 -11.06 10.94
N GLY A 189 -31.29 -11.94 10.07
CA GLY A 189 -32.53 -11.64 9.40
C GLY A 189 -33.56 -12.76 9.36
N ARG A 190 -33.34 -13.84 10.10
CA ARG A 190 -34.21 -15.01 10.00
C ARG A 190 -35.59 -14.78 10.62
N ASP A 191 -35.84 -13.65 11.26
CA ASP A 191 -37.19 -13.27 11.63
C ASP A 191 -37.99 -12.70 10.47
N MET A 192 -37.41 -12.66 9.27
CA MET A 192 -38.10 -12.16 8.09
C MET A 192 -37.79 -13.08 6.92
N SER A 193 -38.58 -12.95 5.87
CA SER A 193 -38.20 -13.55 4.61
C SER A 193 -36.94 -12.89 4.07
N PRO A 194 -36.09 -13.65 3.38
CA PRO A 194 -34.93 -13.00 2.74
C PRO A 194 -35.31 -11.77 1.93
N GLU A 195 -36.42 -11.81 1.20
CA GLU A 195 -36.80 -10.65 0.40
C GLU A 195 -37.06 -9.43 1.28
N ALA A 196 -37.90 -9.60 2.31
CA ALA A 196 -38.21 -8.48 3.20
C ALA A 196 -36.96 -8.00 3.92
N PHE A 197 -36.09 -8.92 4.34
CA PHE A 197 -34.87 -8.53 5.00
C PHE A 197 -33.99 -7.70 4.07
N GLY A 198 -33.84 -8.13 2.82
CA GLY A 198 -33.03 -7.36 1.88
C GLY A 198 -33.53 -5.93 1.72
N GLN A 199 -34.85 -5.76 1.72
CA GLN A 199 -35.43 -4.42 1.58
C GLN A 199 -35.26 -3.62 2.87
N THR A 200 -35.39 -4.28 4.03
CA THR A 200 -35.13 -3.60 5.29
C THR A 200 -33.70 -3.10 5.36
N CYS A 201 -32.74 -3.92 4.92
CA CYS A 201 -31.34 -3.48 4.96
C CYS A 201 -31.09 -2.36 3.98
N ALA A 202 -31.80 -2.35 2.83
CA ALA A 202 -31.71 -1.22 1.92
C ALA A 202 -32.33 0.03 2.55
N GLU A 203 -33.47 -0.14 3.21
CA GLU A 203 -34.12 1.01 3.85
C GLU A 203 -33.26 1.60 4.95
N ALA A 204 -32.41 0.78 5.58
CA ALA A 204 -31.48 1.31 6.59
C ALA A 204 -30.56 2.36 5.99
N LEU A 205 -30.16 2.18 4.73
CA LEU A 205 -29.37 3.20 4.05
C LEU A 205 -30.12 4.52 3.96
N GLU A 206 -31.37 4.47 3.51
CA GLU A 206 -32.18 5.68 3.43
C GLU A 206 -32.32 6.34 4.80
N GLU A 207 -32.56 5.56 5.86
CA GLU A 207 -32.69 6.14 7.18
C GLU A 207 -31.42 6.88 7.60
N LYS A 208 -30.26 6.29 7.34
CA LYS A 208 -29.00 6.93 7.71
C LYS A 208 -28.80 8.22 6.93
N ILE A 209 -29.10 8.21 5.62
CA ILE A 209 -28.99 9.42 4.83
C ILE A 209 -29.84 10.53 5.45
N LEU A 210 -31.10 10.22 5.75
CA LEU A 210 -31.99 11.20 6.35
C LEU A 210 -31.57 11.57 7.76
N GLU A 211 -30.97 10.65 8.51
CA GLU A 211 -30.48 10.98 9.85
C GLU A 211 -29.32 11.95 9.78
N LEU A 212 -28.39 11.74 8.84
CA LEU A 212 -27.26 12.65 8.69
C LEU A 212 -27.65 13.91 7.92
N GLY A 213 -28.62 13.80 7.01
CA GLY A 213 -28.93 14.87 6.10
C GLY A 213 -28.23 14.66 4.78
N GLU A 214 -29.01 14.59 3.68
CA GLU A 214 -28.43 14.32 2.37
C GLU A 214 -27.29 15.28 2.04
N GLU A 215 -27.39 16.53 2.49
CA GLU A 215 -26.36 17.51 2.19
C GLU A 215 -25.04 17.19 2.86
N LYS A 216 -25.02 16.31 3.85
CA LYS A 216 -23.78 15.94 4.52
C LYS A 216 -23.23 14.59 4.08
N VAL A 217 -23.96 13.83 3.26
CA VAL A 217 -23.56 12.48 2.88
C VAL A 217 -22.90 12.52 1.52
N ALA A 218 -21.70 11.94 1.44
CA ALA A 218 -20.91 11.95 0.22
C ALA A 218 -21.02 10.66 -0.59
N ALA A 219 -21.14 9.50 0.07
CA ALA A 219 -21.05 8.26 -0.67
C ALA A 219 -21.53 7.10 0.20
N PHE A 220 -21.95 6.04 -0.47
CA PHE A 220 -22.21 4.74 0.12
C PHE A 220 -21.16 3.77 -0.43
N ILE A 221 -20.48 3.05 0.46
CA ILE A 221 -19.43 2.12 0.08
C ILE A 221 -19.85 0.73 0.53
N ALA A 222 -19.70 -0.26 -0.36
CA ALA A 222 -20.10 -1.62 -0.04
C ALA A 222 -19.40 -2.61 -0.97
N GLU A 223 -19.06 -3.76 -0.41
CA GLU A 223 -18.69 -4.91 -1.21
C GLU A 223 -19.95 -5.48 -1.84
N PRO A 224 -19.97 -5.77 -3.15
CA PRO A 224 -21.17 -6.42 -3.71
C PRO A 224 -21.54 -7.65 -2.90
N VAL A 225 -20.55 -8.46 -2.53
CA VAL A 225 -20.70 -9.56 -1.58
C VAL A 225 -19.60 -9.41 -0.55
N GLN A 226 -19.96 -9.50 0.73
CA GLN A 226 -18.98 -9.33 1.79
C GLN A 226 -18.07 -10.55 1.86
N GLY A 227 -16.77 -10.33 1.78
CA GLY A 227 -15.80 -11.41 1.79
C GLY A 227 -15.27 -11.75 3.15
N ALA A 228 -14.35 -10.93 3.66
CA ALA A 228 -13.72 -11.23 4.95
C ALA A 228 -14.75 -11.35 6.05
N GLY A 229 -15.89 -10.68 5.94
CA GLY A 229 -16.95 -10.76 6.93
C GLY A 229 -17.73 -12.08 6.92
N GLY A 230 -17.49 -12.94 5.93
CA GLY A 230 -18.04 -14.27 5.95
C GLY A 230 -18.71 -14.75 4.68
N ALA A 231 -18.27 -14.25 3.53
CA ALA A 231 -18.84 -14.64 2.24
C ALA A 231 -20.38 -14.54 2.25
N ILE A 232 -20.85 -13.33 2.55
CA ILE A 232 -22.26 -13.08 2.81
C ILE A 232 -22.90 -12.55 1.53
N MET A 233 -23.58 -13.43 0.80
CA MET A 233 -24.35 -12.97 -0.35
C MET A 233 -25.66 -12.35 0.13
N PRO A 234 -26.02 -11.16 -0.31
CA PRO A 234 -27.25 -10.54 0.16
C PRO A 234 -28.45 -11.19 -0.48
N PRO A 235 -29.64 -11.04 0.11
CA PRO A 235 -30.85 -11.48 -0.59
C PRO A 235 -30.94 -10.80 -1.94
N GLU A 236 -31.61 -11.46 -2.88
CA GLU A 236 -31.74 -10.93 -4.23
C GLU A 236 -32.49 -9.60 -4.25
N SER A 237 -33.28 -9.30 -3.22
CA SER A 237 -34.00 -8.04 -3.15
C SER A 237 -33.10 -6.88 -2.76
N TYR A 238 -31.91 -7.14 -2.24
CA TYR A 238 -31.13 -6.10 -1.59
C TYR A 238 -30.64 -5.05 -2.59
N TRP A 239 -29.87 -5.46 -3.59
CA TRP A 239 -29.23 -4.46 -4.45
C TRP A 239 -30.24 -3.72 -5.30
N PRO A 240 -31.29 -4.36 -5.81
CA PRO A 240 -32.34 -3.59 -6.50
C PRO A 240 -32.98 -2.54 -5.60
N ALA A 241 -33.22 -2.85 -4.32
CA ALA A 241 -33.75 -1.86 -3.40
C ALA A 241 -32.73 -0.77 -3.08
N VAL A 242 -31.46 -1.12 -2.98
CA VAL A 242 -30.43 -0.10 -2.77
C VAL A 242 -30.40 0.87 -3.94
N LYS A 243 -30.50 0.36 -5.17
CA LYS A 243 -30.49 1.24 -6.33
C LYS A 243 -31.64 2.24 -6.29
N LYS A 244 -32.81 1.82 -5.78
CA LYS A 244 -33.93 2.75 -5.65
C LYS A 244 -33.59 3.87 -4.68
N VAL A 245 -32.92 3.55 -3.58
CA VAL A 245 -32.52 4.59 -2.63
C VAL A 245 -31.49 5.51 -3.27
N LEU A 246 -30.49 4.93 -3.95
CA LEU A 246 -29.46 5.73 -4.58
C LEU A 246 -30.04 6.64 -5.67
N ALA A 247 -31.12 6.21 -6.32
CA ALA A 247 -31.76 7.05 -7.33
C ALA A 247 -32.41 8.29 -6.72
N LYS A 248 -32.82 8.21 -5.46
CA LYS A 248 -33.51 9.32 -4.81
C LYS A 248 -32.57 10.36 -4.21
N TYR A 249 -31.32 10.01 -3.94
CA TYR A 249 -30.41 10.87 -3.21
C TYR A 249 -29.12 11.05 -4.00
N ASP A 250 -28.53 12.23 -3.85
CA ASP A 250 -27.32 12.60 -4.60
C ASP A 250 -26.09 12.20 -3.79
N ILE A 251 -25.73 10.92 -3.89
CA ILE A 251 -24.57 10.38 -3.19
C ILE A 251 -23.86 9.42 -4.14
N LEU A 252 -22.54 9.35 -4.01
CA LEU A 252 -21.76 8.47 -4.86
C LEU A 252 -21.88 7.02 -4.39
N LEU A 253 -21.74 6.10 -5.34
CA LEU A 253 -21.70 4.66 -5.05
C LEU A 253 -20.27 4.17 -5.24
N VAL A 254 -19.69 3.60 -4.19
CA VAL A 254 -18.39 2.96 -4.26
C VAL A 254 -18.61 1.46 -4.12
N ALA A 255 -18.32 0.71 -5.17
CA ALA A 255 -18.37 -0.75 -5.12
C ALA A 255 -16.95 -1.26 -4.90
N ASP A 256 -16.70 -1.80 -3.70
CA ASP A 256 -15.39 -2.33 -3.37
C ASP A 256 -15.25 -3.72 -4.00
N GLU A 257 -14.47 -3.79 -5.06
CA GLU A 257 -14.34 -4.99 -5.90
C GLU A 257 -13.07 -5.76 -5.62
N VAL A 258 -12.40 -5.51 -4.49
CA VAL A 258 -11.09 -6.10 -4.26
C VAL A 258 -11.17 -7.63 -4.25
N ILE A 259 -12.24 -8.19 -3.66
CA ILE A 259 -12.46 -9.63 -3.71
C ILE A 259 -13.34 -10.01 -4.89
N CYS A 260 -14.42 -9.27 -5.15
CA CYS A 260 -15.37 -9.71 -6.17
C CYS A 260 -14.86 -9.50 -7.58
N GLY A 261 -13.80 -8.70 -7.78
CA GLY A 261 -13.33 -8.43 -9.12
C GLY A 261 -12.69 -9.64 -9.79
N PHE A 262 -12.77 -9.66 -11.12
CA PHE A 262 -11.94 -10.52 -11.96
C PHE A 262 -12.33 -11.99 -11.84
N GLY A 263 -13.64 -12.25 -11.83
CA GLY A 263 -14.17 -13.57 -12.09
C GLY A 263 -14.79 -14.26 -10.88
N ARG A 264 -14.53 -13.77 -9.68
CA ARG A 264 -14.90 -14.49 -8.46
C ARG A 264 -16.37 -14.90 -8.47
N LEU A 265 -17.26 -14.01 -8.92
CA LEU A 265 -18.70 -14.28 -8.89
C LEU A 265 -19.27 -14.66 -10.24
N GLY A 266 -18.42 -14.88 -11.25
CA GLY A 266 -18.89 -15.16 -12.58
C GLY A 266 -18.98 -13.97 -13.49
N GLU A 267 -18.47 -12.81 -13.06
CA GLU A 267 -18.39 -11.61 -13.87
C GLU A 267 -17.03 -10.99 -13.66
N TRP A 268 -16.65 -10.07 -14.55
CA TRP A 268 -15.43 -9.31 -14.35
C TRP A 268 -15.51 -8.47 -13.08
N PHE A 269 -16.71 -8.06 -12.68
CA PHE A 269 -16.89 -7.29 -11.47
C PHE A 269 -18.22 -7.67 -10.83
N GLY A 270 -18.21 -7.75 -9.49
CA GLY A 270 -19.45 -8.01 -8.77
C GLY A 270 -20.53 -7.00 -9.10
N SER A 271 -20.13 -5.75 -9.35
CA SER A 271 -21.07 -4.73 -9.80
C SER A 271 -21.88 -5.21 -11.01
N GLN A 272 -21.24 -5.95 -11.91
CA GLN A 272 -21.93 -6.42 -13.11
C GLN A 272 -22.91 -7.54 -12.78
N HIS A 273 -22.63 -8.35 -11.76
CA HIS A 273 -23.58 -9.39 -11.38
C HIS A 273 -24.89 -8.79 -10.87
N TYR A 274 -24.81 -7.64 -10.20
CA TYR A 274 -25.97 -7.01 -9.60
C TYR A 274 -26.45 -5.77 -10.35
N GLY A 275 -25.88 -5.51 -11.53
CA GLY A 275 -26.33 -4.38 -12.34
C GLY A 275 -26.10 -3.04 -11.68
N LEU A 276 -24.99 -2.88 -11.00
CA LEU A 276 -24.67 -1.61 -10.35
C LEU A 276 -23.89 -0.71 -11.31
N GLU A 277 -23.99 0.60 -11.08
CA GLU A 277 -23.28 1.61 -11.85
C GLU A 277 -22.46 2.44 -10.85
N PRO A 278 -21.34 1.90 -10.38
CA PRO A 278 -20.56 2.62 -9.37
C PRO A 278 -19.81 3.81 -9.93
N ASP A 279 -19.55 4.78 -9.06
CA ASP A 279 -18.71 5.92 -9.38
C ASP A 279 -17.24 5.62 -9.19
N LEU A 280 -16.91 4.74 -8.24
CA LEU A 280 -15.55 4.32 -7.97
C LEU A 280 -15.56 2.84 -7.60
N MET A 281 -14.48 2.15 -8.00
CA MET A 281 -14.34 0.72 -7.71
C MET A 281 -12.88 0.46 -7.36
N PRO A 282 -12.56 0.29 -6.08
CA PRO A 282 -11.21 -0.15 -5.73
C PRO A 282 -11.02 -1.61 -6.12
N ILE A 283 -9.79 -1.95 -6.51
CA ILE A 283 -9.46 -3.29 -7.01
C ILE A 283 -8.07 -3.67 -6.51
N ALA A 284 -7.84 -4.98 -6.46
CA ALA A 284 -6.52 -5.54 -6.15
C ALA A 284 -6.61 -7.05 -6.29
N LYS A 285 -5.91 -7.79 -5.43
CA LYS A 285 -6.00 -9.24 -5.35
C LYS A 285 -6.00 -9.91 -6.72
N GLY A 286 -7.18 -10.30 -7.23
CA GLY A 286 -7.25 -11.04 -8.48
C GLY A 286 -6.77 -10.28 -9.70
N LEU A 287 -6.60 -8.96 -9.58
CA LEU A 287 -6.08 -8.15 -10.69
C LEU A 287 -4.81 -8.77 -11.28
N SER A 288 -3.97 -9.36 -10.44
CA SER A 288 -2.72 -9.97 -10.87
C SER A 288 -2.64 -11.43 -10.48
N SER A 289 -3.77 -12.05 -10.12
CA SER A 289 -3.79 -13.37 -9.48
C SER A 289 -2.82 -13.43 -8.30
N GLY A 290 -2.59 -12.28 -7.66
CA GLY A 290 -1.69 -12.20 -6.53
C GLY A 290 -0.22 -12.39 -6.83
N TYR A 291 0.15 -12.63 -8.10
CA TYR A 291 1.54 -12.93 -8.42
C TYR A 291 2.46 -11.77 -8.10
N LEU A 292 1.98 -10.54 -8.19
CA LEU A 292 2.72 -9.36 -7.78
C LEU A 292 1.75 -8.34 -7.22
N PRO A 293 2.19 -7.49 -6.29
CA PRO A 293 1.25 -6.55 -5.67
C PRO A 293 0.86 -5.42 -6.61
N ILE A 294 -0.44 -5.23 -6.77
CA ILE A 294 -0.94 -4.07 -7.52
C ILE A 294 -2.43 -3.92 -7.27
N GLY A 295 -2.87 -2.69 -7.15
CA GLY A 295 -4.27 -2.37 -7.02
C GLY A 295 -4.57 -1.06 -7.71
N GLY A 296 -5.78 -0.56 -7.55
CA GLY A 296 -6.12 0.72 -8.12
C GLY A 296 -7.56 1.07 -7.84
N VAL A 297 -7.96 2.21 -8.40
CA VAL A 297 -9.33 2.69 -8.32
C VAL A 297 -9.79 2.93 -9.75
N LEU A 298 -10.83 2.22 -10.16
CA LEU A 298 -11.52 2.52 -11.39
C LEU A 298 -12.49 3.68 -11.15
N VAL A 299 -12.38 4.72 -11.96
CA VAL A 299 -13.03 6.00 -11.71
C VAL A 299 -14.05 6.26 -12.81
N GLY A 300 -15.30 6.52 -12.42
CA GLY A 300 -16.34 6.82 -13.39
C GLY A 300 -16.20 8.20 -13.99
N ASP A 301 -16.87 8.40 -15.13
CA ASP A 301 -16.76 9.64 -15.87
C ASP A 301 -17.19 10.83 -15.01
N ARG A 302 -18.21 10.61 -14.18
CA ARG A 302 -18.75 11.68 -13.33
C ARG A 302 -17.67 12.26 -12.44
N VAL A 303 -16.99 11.40 -11.69
CA VAL A 303 -15.95 11.85 -10.78
C VAL A 303 -14.71 12.30 -11.55
N ALA A 304 -14.32 11.53 -12.57
CA ALA A 304 -13.09 11.85 -13.29
C ALA A 304 -13.14 13.24 -13.92
N GLU A 305 -14.26 13.61 -14.54
CA GLU A 305 -14.33 14.88 -15.22
C GLU A 305 -14.22 16.05 -14.24
N THR A 306 -14.83 15.92 -13.07
CA THR A 306 -14.71 16.97 -12.05
C THR A 306 -13.27 17.09 -11.57
N LEU A 307 -12.64 15.97 -11.23
CA LEU A 307 -11.24 16.02 -10.80
C LEU A 307 -10.35 16.60 -11.90
N ILE A 308 -10.54 16.17 -13.15
CA ILE A 308 -9.70 16.64 -14.25
C ILE A 308 -9.95 18.12 -14.52
N GLU A 309 -11.20 18.50 -14.75
CA GLU A 309 -11.51 19.83 -15.24
C GLU A 309 -11.47 20.89 -14.13
N GLU A 310 -11.73 20.51 -12.88
CA GLU A 310 -11.81 21.49 -11.80
C GLU A 310 -10.66 21.41 -10.80
N GLY A 311 -9.96 20.28 -10.73
CA GLY A 311 -9.10 20.00 -9.59
C GLY A 311 -7.65 20.41 -9.69
N GLY A 312 -7.15 20.70 -10.88
CA GLY A 312 -5.73 20.96 -10.99
C GLY A 312 -4.95 19.71 -10.63
N GLU A 313 -3.90 19.87 -9.85
CA GLU A 313 -3.14 18.73 -9.38
C GLU A 313 -3.88 18.05 -8.24
N PHE A 314 -3.91 16.71 -8.29
CA PHE A 314 -4.36 15.87 -7.19
C PHE A 314 -3.10 15.43 -6.43
N PHE A 315 -2.90 15.97 -5.23
CA PHE A 315 -1.69 15.72 -4.45
C PHE A 315 -1.83 14.38 -3.73
N HIS A 316 -1.70 13.30 -4.51
CA HIS A 316 -1.98 11.96 -4.03
C HIS A 316 -1.25 10.96 -4.91
N GLY A 317 -0.73 9.92 -4.29
CA GLY A 317 -0.17 8.81 -5.04
C GLY A 317 0.98 8.17 -4.30
N PHE A 318 1.45 7.04 -4.84
CA PHE A 318 2.42 6.19 -4.18
C PHE A 318 3.58 5.89 -5.10
N THR A 319 4.77 5.79 -4.52
CA THR A 319 6.00 5.50 -5.25
C THR A 319 5.78 4.38 -6.26
N TYR A 320 5.09 3.33 -5.85
CA TYR A 320 4.93 2.16 -6.69
C TYR A 320 3.59 2.14 -7.43
N SER A 321 2.88 3.27 -7.46
CA SER A 321 1.70 3.37 -8.31
C SER A 321 2.10 3.07 -9.74
N GLY A 322 1.41 2.10 -10.35
CA GLY A 322 1.67 1.74 -11.72
C GLY A 322 2.92 0.93 -11.95
N HIS A 323 3.56 0.42 -10.89
CA HIS A 323 4.82 -0.29 -10.98
C HIS A 323 4.86 -1.16 -12.25
N PRO A 324 5.79 -0.88 -13.18
CA PRO A 324 5.68 -1.50 -14.50
C PRO A 324 5.80 -3.01 -14.51
N THR A 325 6.58 -3.59 -13.60
CA THR A 325 6.65 -5.06 -13.55
C THR A 325 5.34 -5.63 -13.04
N CYS A 326 4.78 -5.03 -11.98
CA CYS A 326 3.49 -5.48 -11.47
C CYS A 326 2.39 -5.27 -12.50
N ALA A 327 2.41 -4.13 -13.20
CA ALA A 327 1.42 -3.88 -14.24
C ALA A 327 1.54 -4.87 -15.39
N ALA A 328 2.78 -5.18 -15.80
CA ALA A 328 2.98 -6.16 -16.85
C ALA A 328 2.39 -7.52 -16.49
N VAL A 329 2.56 -7.94 -15.23
CA VAL A 329 1.97 -9.21 -14.79
C VAL A 329 0.45 -9.10 -14.74
N ALA A 330 -0.07 -8.00 -14.21
CA ALA A 330 -1.51 -7.80 -14.17
C ALA A 330 -2.10 -7.86 -15.58
N LEU A 331 -1.47 -7.18 -16.53
CA LEU A 331 -1.94 -7.19 -17.91
C LEU A 331 -2.01 -8.62 -18.44
N LYS A 332 -0.94 -9.41 -18.26
CA LYS A 332 -0.94 -10.77 -18.76
C LYS A 332 -2.00 -11.61 -18.06
N ASN A 333 -2.19 -11.40 -16.77
CA ASN A 333 -3.23 -12.11 -16.04
C ASN A 333 -4.60 -11.84 -16.67
N LEU A 334 -4.91 -10.57 -16.95
CA LEU A 334 -6.17 -10.26 -17.59
C LEU A 334 -6.27 -10.89 -18.97
N GLU A 335 -5.20 -10.81 -19.77
CA GLU A 335 -5.25 -11.39 -21.11
C GLU A 335 -5.52 -12.88 -21.04
N LEU A 336 -4.92 -13.57 -20.07
CA LEU A 336 -5.14 -15.01 -19.94
C LEU A 336 -6.55 -15.31 -19.45
N LEU A 337 -7.01 -14.59 -18.43
CA LEU A 337 -8.37 -14.79 -17.94
C LEU A 337 -9.37 -14.65 -19.08
N GLU A 338 -9.17 -13.67 -19.95
CA GLU A 338 -10.11 -13.43 -21.04
C GLU A 338 -9.94 -14.46 -22.16
N ALA A 339 -8.69 -14.68 -22.60
CA ALA A 339 -8.45 -15.54 -23.74
C ALA A 339 -8.89 -16.97 -23.46
N GLU A 340 -8.78 -17.42 -22.22
CA GLU A 340 -9.16 -18.78 -21.83
C GLU A 340 -10.59 -18.86 -21.31
N GLY A 341 -11.35 -17.77 -21.36
CA GLY A 341 -12.75 -17.81 -20.98
C GLY A 341 -13.00 -18.18 -19.54
N VAL A 342 -12.08 -17.81 -18.63
CA VAL A 342 -12.20 -18.27 -17.25
C VAL A 342 -13.43 -17.67 -16.58
N VAL A 343 -13.70 -16.38 -16.82
CA VAL A 343 -14.87 -15.75 -16.22
C VAL A 343 -16.14 -16.44 -16.70
N ASP A 344 -16.24 -16.66 -18.01
CA ASP A 344 -17.39 -17.35 -18.57
C ASP A 344 -17.54 -18.75 -17.99
N ARG A 345 -16.44 -19.37 -17.58
CA ARG A 345 -16.49 -20.75 -17.13
C ARG A 345 -16.94 -20.82 -15.68
N VAL A 346 -16.50 -19.86 -14.88
CA VAL A 346 -17.08 -19.67 -13.54
C VAL A 346 -18.59 -19.52 -13.64
N ARG A 347 -19.06 -18.65 -14.53
CA ARG A 347 -20.48 -18.33 -14.58
C ARG A 347 -21.31 -19.52 -15.05
N ASP A 348 -20.83 -20.24 -16.08
CA ASP A 348 -21.64 -21.25 -16.75
C ASP A 348 -21.33 -22.69 -16.35
N ASP A 349 -20.16 -22.95 -15.76
CA ASP A 349 -19.72 -24.31 -15.50
C ASP A 349 -19.37 -24.51 -14.02
N LEU A 350 -18.26 -23.92 -13.55
CA LEU A 350 -17.77 -24.24 -12.22
C LEU A 350 -18.66 -23.68 -11.12
N GLY A 351 -19.21 -22.49 -11.33
CA GLY A 351 -20.09 -21.88 -10.37
C GLY A 351 -21.31 -22.75 -10.09
N PRO A 352 -22.05 -23.08 -11.15
CA PRO A 352 -23.19 -24.00 -10.98
C PRO A 352 -22.80 -25.36 -10.44
N TYR A 353 -21.62 -25.86 -10.78
CA TYR A 353 -21.19 -27.17 -10.28
C TYR A 353 -20.89 -27.12 -8.79
N LEU A 354 -20.14 -26.11 -8.35
CA LEU A 354 -19.91 -25.93 -6.92
C LEU A 354 -21.23 -25.89 -6.16
N ALA A 355 -22.18 -25.09 -6.66
CA ALA A 355 -23.44 -24.91 -5.95
C ALA A 355 -24.14 -26.23 -5.68
N GLU A 356 -24.19 -27.12 -6.68
CA GLU A 356 -24.86 -28.40 -6.46
C GLU A 356 -24.07 -29.27 -5.49
N ARG A 357 -22.75 -29.35 -5.65
CA ARG A 357 -21.95 -30.15 -4.72
C ARG A 357 -21.91 -29.52 -3.34
N TRP A 358 -21.83 -28.19 -3.28
CA TRP A 358 -21.86 -27.49 -2.00
C TRP A 358 -23.16 -27.76 -1.27
N ALA A 359 -24.27 -27.79 -2.01
CA ALA A 359 -25.57 -28.04 -1.40
C ALA A 359 -25.70 -29.46 -0.86
N SER A 360 -24.83 -30.38 -1.28
CA SER A 360 -24.86 -31.73 -0.71
C SER A 360 -24.40 -31.76 0.73
N LEU A 361 -23.88 -30.65 1.27
CA LEU A 361 -23.45 -30.58 2.65
C LEU A 361 -24.56 -30.13 3.60
N VAL A 362 -25.73 -29.75 3.08
CA VAL A 362 -26.78 -29.22 3.93
C VAL A 362 -27.38 -30.27 4.85
N ASP A 363 -27.30 -31.55 4.49
CA ASP A 363 -27.87 -32.59 5.32
C ASP A 363 -26.92 -33.04 6.44
N HIS A 364 -25.76 -32.42 6.55
CA HIS A 364 -24.84 -32.78 7.62
C HIS A 364 -25.40 -32.33 8.97
N PRO A 365 -25.10 -33.08 10.04
CA PRO A 365 -25.68 -32.73 11.35
C PRO A 365 -25.40 -31.32 11.84
N ILE A 366 -24.30 -30.68 11.44
CA ILE A 366 -23.97 -29.37 12.01
C ILE A 366 -23.93 -28.26 10.97
N VAL A 367 -24.46 -28.50 9.78
CA VAL A 367 -24.54 -27.48 8.73
C VAL A 367 -25.97 -26.95 8.72
N GLY A 368 -26.13 -25.68 9.10
CA GLY A 368 -27.43 -25.03 9.08
C GLY A 368 -27.75 -24.34 7.78
N GLU A 369 -26.73 -24.00 6.99
CA GLU A 369 -26.93 -23.38 5.68
C GLU A 369 -25.68 -23.58 4.84
N ALA A 370 -25.89 -23.77 3.55
CA ALA A 370 -24.83 -23.76 2.56
C ALA A 370 -25.24 -22.80 1.45
N ARG A 371 -24.35 -21.86 1.11
CA ARG A 371 -24.63 -20.85 0.11
C ARG A 371 -23.39 -20.68 -0.75
N SER A 372 -23.59 -20.35 -2.02
CA SER A 372 -22.49 -20.12 -2.92
C SER A 372 -22.94 -19.20 -4.05
N LEU A 373 -21.96 -18.52 -4.64
CA LEU A 373 -22.17 -17.70 -5.84
C LEU A 373 -20.84 -17.70 -6.59
N GLY A 374 -20.88 -18.05 -7.87
CA GLY A 374 -19.64 -18.26 -8.58
C GLY A 374 -18.78 -19.24 -7.82
N LEU A 375 -17.52 -18.87 -7.58
CA LEU A 375 -16.62 -19.69 -6.77
C LEU A 375 -16.33 -19.03 -5.43
N MET A 376 -17.37 -18.48 -4.80
CA MET A 376 -17.34 -18.10 -3.39
C MET A 376 -18.44 -18.90 -2.70
N GLY A 377 -18.12 -19.50 -1.55
CA GLY A 377 -19.09 -20.29 -0.82
C GLY A 377 -18.92 -20.14 0.68
N ALA A 378 -20.00 -20.46 1.39
CA ALA A 378 -19.99 -20.42 2.85
C ALA A 378 -20.90 -21.52 3.41
N LEU A 379 -20.52 -22.03 4.58
CA LEU A 379 -21.34 -22.93 5.37
C LEU A 379 -21.53 -22.31 6.75
N GLU A 380 -22.71 -22.49 7.31
CA GLU A 380 -23.04 -22.01 8.64
C GLU A 380 -23.09 -23.21 9.59
N LEU A 381 -22.20 -23.23 10.57
CA LEU A 381 -22.20 -24.30 11.56
C LEU A 381 -23.22 -24.01 12.64
N VAL A 382 -24.05 -25.01 12.96
CA VAL A 382 -25.07 -24.89 13.99
C VAL A 382 -25.03 -26.11 14.89
N ALA A 383 -25.41 -25.92 16.15
CA ALA A 383 -25.53 -27.03 17.09
C ALA A 383 -26.88 -27.72 17.00
N ASP A 384 -27.93 -27.00 16.60
CA ASP A 384 -29.26 -27.57 16.44
C ASP A 384 -29.84 -27.08 15.12
N LYS A 385 -30.13 -28.01 14.22
CA LYS A 385 -30.67 -27.66 12.92
C LYS A 385 -32.11 -27.16 13.02
N THR A 386 -32.88 -27.66 14.00
CA THR A 386 -34.26 -27.17 14.16
C THR A 386 -34.27 -25.67 14.43
N THR A 387 -33.50 -25.23 15.42
CA THR A 387 -33.50 -23.83 15.82
C THR A 387 -32.46 -22.99 15.09
N GLY A 388 -31.43 -23.62 14.53
CA GLY A 388 -30.34 -22.90 13.92
C GLY A 388 -29.36 -22.30 14.89
N GLN A 389 -29.53 -22.53 16.18
CA GLN A 389 -28.68 -21.93 17.19
C GLN A 389 -27.23 -22.38 17.02
N ARG A 390 -26.30 -21.47 17.30
CA ARG A 390 -24.89 -21.73 17.20
C ARG A 390 -24.39 -22.57 18.37
N PHE A 391 -23.30 -23.30 18.15
CA PHE A 391 -22.47 -23.73 19.26
C PHE A 391 -22.02 -22.50 20.03
N ASP A 392 -21.86 -22.64 21.35
CA ASP A 392 -21.40 -21.50 22.12
C ASP A 392 -20.07 -21.01 21.53
N LYS A 393 -19.91 -19.70 21.46
CA LYS A 393 -18.72 -19.11 20.86
C LYS A 393 -17.46 -19.66 21.53
N SER A 394 -17.53 -19.93 22.83
CA SER A 394 -16.37 -20.41 23.58
C SER A 394 -15.87 -21.77 23.08
N LEU A 395 -16.71 -22.53 22.38
CA LEU A 395 -16.30 -23.83 21.86
C LEU A 395 -15.48 -23.72 20.57
N GLY A 396 -15.49 -22.56 19.91
CA GLY A 396 -14.73 -22.37 18.70
C GLY A 396 -15.01 -23.40 17.63
N ALA A 397 -16.30 -23.60 17.34
CA ALA A 397 -16.71 -24.59 16.35
C ALA A 397 -16.04 -24.31 15.00
N GLY A 398 -16.05 -23.05 14.57
CA GLY A 398 -15.51 -22.71 13.27
C GLY A 398 -14.01 -22.89 13.18
N ASN A 399 -13.28 -22.46 14.21
CA ASN A 399 -11.83 -22.64 14.23
C ASN A 399 -11.46 -24.13 14.25
N LEU A 400 -12.23 -24.93 15.00
CA LEU A 400 -11.98 -26.36 15.05
C LEU A 400 -12.18 -27.00 13.69
N CYS A 401 -13.30 -26.69 13.03
CA CYS A 401 -13.51 -27.17 11.68
C CYS A 401 -12.41 -26.70 10.74
N ARG A 402 -12.00 -25.44 10.87
CA ARG A 402 -10.91 -24.92 10.04
C ARG A 402 -9.65 -25.75 10.22
N ASP A 403 -9.27 -26.00 11.47
CA ASP A 403 -8.05 -26.75 11.74
C ASP A 403 -8.18 -28.19 11.26
N LEU A 404 -9.37 -28.78 11.44
CA LEU A 404 -9.58 -30.15 10.95
C LEU A 404 -9.57 -30.21 9.43
N CYS A 405 -10.06 -29.17 8.75
CA CYS A 405 -9.95 -29.13 7.28
C CYS A 405 -8.49 -29.17 6.86
N PHE A 406 -7.66 -28.33 7.47
CA PHE A 406 -6.24 -28.29 7.13
C PHE A 406 -5.58 -29.63 7.41
N ALA A 407 -5.90 -30.25 8.55
CA ALA A 407 -5.35 -31.56 8.87
C ALA A 407 -5.76 -32.59 7.82
N ASN A 408 -6.89 -32.38 7.16
CA ASN A 408 -7.35 -33.25 6.10
C ASN A 408 -6.83 -32.85 4.72
N GLY A 409 -6.04 -31.78 4.63
CA GLY A 409 -5.49 -31.37 3.36
C GLY A 409 -6.29 -30.32 2.62
N LEU A 410 -7.03 -29.47 3.33
CA LEU A 410 -7.85 -28.44 2.70
C LEU A 410 -7.78 -27.13 3.47
N VAL A 411 -7.51 -26.04 2.76
CA VAL A 411 -7.64 -24.70 3.32
C VAL A 411 -9.11 -24.27 3.19
N MET A 412 -9.80 -24.19 4.32
CA MET A 412 -11.14 -23.61 4.38
C MET A 412 -11.20 -22.75 5.63
N ARG A 413 -11.48 -21.46 5.46
CA ARG A 413 -11.37 -20.50 6.55
C ARG A 413 -12.65 -20.43 7.38
N SER A 414 -12.50 -19.84 8.56
CA SER A 414 -13.61 -19.67 9.49
C SER A 414 -13.72 -18.19 9.85
N VAL A 415 -14.93 -17.66 9.79
CA VAL A 415 -15.25 -16.35 10.34
C VAL A 415 -16.27 -16.63 11.43
N GLY A 416 -15.84 -16.59 12.69
CA GLY A 416 -16.68 -17.13 13.76
C GLY A 416 -17.00 -18.58 13.45
N ASP A 417 -18.29 -18.89 13.35
CA ASP A 417 -18.75 -20.22 13.00
C ASP A 417 -19.24 -20.32 11.56
N THR A 418 -18.76 -19.45 10.68
CA THR A 418 -19.05 -19.52 9.25
C THR A 418 -17.79 -20.01 8.54
N MET A 419 -17.90 -21.13 7.83
CA MET A 419 -16.82 -21.62 6.99
C MET A 419 -16.94 -21.02 5.59
N ILE A 420 -15.80 -20.66 4.99
CA ILE A 420 -15.79 -19.96 3.71
C ILE A 420 -14.75 -20.56 2.80
N ILE A 421 -15.03 -20.53 1.49
CA ILE A 421 -14.08 -20.93 0.48
C ILE A 421 -14.09 -19.93 -0.66
N SER A 422 -12.95 -19.84 -1.35
CA SER A 422 -12.73 -18.96 -2.49
C SER A 422 -11.61 -19.55 -3.34
N PRO A 423 -11.83 -20.70 -3.99
CA PRO A 423 -10.72 -21.42 -4.64
C PRO A 423 -10.30 -20.75 -5.94
N PRO A 424 -9.14 -21.11 -6.48
CA PRO A 424 -8.73 -20.56 -7.78
C PRO A 424 -9.80 -20.84 -8.83
N LEU A 425 -9.94 -19.89 -9.75
CA LEU A 425 -10.98 -19.99 -10.77
C LEU A 425 -10.68 -21.06 -11.82
N VAL A 426 -9.49 -21.64 -11.79
CA VAL A 426 -9.13 -22.71 -12.71
C VAL A 426 -9.30 -24.08 -12.07
N ILE A 427 -9.97 -24.15 -10.93
CA ILE A 427 -10.22 -25.42 -10.27
C ILE A 427 -11.06 -26.30 -11.18
N ARG A 428 -10.74 -27.60 -11.20
CA ARG A 428 -11.46 -28.57 -12.00
C ARG A 428 -12.57 -29.24 -11.17
N ARG A 429 -13.50 -29.87 -11.88
CA ARG A 429 -14.68 -30.41 -11.20
C ARG A 429 -14.31 -31.47 -10.16
N GLU A 430 -13.39 -32.38 -10.48
CA GLU A 430 -12.99 -33.36 -9.48
C GLU A 430 -12.33 -32.71 -8.28
N GLU A 431 -11.65 -31.58 -8.47
CA GLU A 431 -11.05 -30.88 -7.34
C GLU A 431 -12.12 -30.20 -6.49
N ILE A 432 -13.21 -29.74 -7.11
CA ILE A 432 -14.35 -29.27 -6.32
C ILE A 432 -14.94 -30.42 -5.52
N ASP A 433 -15.07 -31.60 -6.14
CA ASP A 433 -15.53 -32.79 -5.42
C ASP A 433 -14.63 -33.09 -4.22
N GLU A 434 -13.31 -33.10 -4.45
CA GLU A 434 -12.37 -33.37 -3.36
C GLU A 434 -12.52 -32.35 -2.24
N LEU A 435 -12.71 -31.09 -2.60
CA LEU A 435 -12.92 -30.05 -1.59
C LEU A 435 -14.13 -30.40 -0.73
N VAL A 436 -15.25 -30.73 -1.37
CA VAL A 436 -16.47 -31.05 -0.62
C VAL A 436 -16.27 -32.31 0.20
N GLU A 437 -15.62 -33.32 -0.38
CA GLU A 437 -15.34 -34.56 0.37
C GLU A 437 -14.49 -34.28 1.60
N LEU A 438 -13.41 -33.50 1.44
CA LEU A 438 -12.54 -33.19 2.57
C LEU A 438 -13.26 -32.34 3.60
N ALA A 439 -14.09 -31.39 3.14
CA ALA A 439 -14.90 -30.61 4.06
C ALA A 439 -15.79 -31.51 4.89
N ARG A 440 -16.45 -32.49 4.25
CA ARG A 440 -17.34 -33.38 5.00
C ARG A 440 -16.57 -34.17 6.05
N ARG A 441 -15.36 -34.63 5.73
CA ARG A 441 -14.56 -35.32 6.73
C ARG A 441 -14.29 -34.42 7.94
N ALA A 442 -13.95 -33.15 7.68
CA ALA A 442 -13.72 -32.22 8.77
C ALA A 442 -14.99 -31.92 9.54
N LEU A 443 -16.12 -31.84 8.83
CA LEU A 443 -17.40 -31.60 9.50
C LEU A 443 -17.77 -32.78 10.41
N ASP A 444 -17.61 -34.01 9.91
CA ASP A 444 -17.85 -35.18 10.74
C ASP A 444 -17.00 -35.12 12.01
N GLU A 445 -15.70 -34.87 11.84
CA GLU A 445 -14.79 -34.87 12.98
C GLU A 445 -15.06 -33.72 13.92
N THR A 446 -15.49 -32.57 13.39
CA THR A 446 -15.88 -31.46 14.26
C THR A 446 -17.10 -31.85 15.09
N ALA A 447 -18.12 -32.41 14.44
CA ALA A 447 -19.34 -32.78 15.15
C ALA A 447 -19.06 -33.81 16.23
N ARG A 448 -18.24 -34.81 15.92
CA ARG A 448 -17.88 -35.83 16.90
C ARG A 448 -17.17 -35.23 18.11
N GLN A 449 -16.19 -34.36 17.84
CA GLN A 449 -15.37 -33.80 18.91
C GLN A 449 -16.19 -32.87 19.80
N LEU A 450 -17.19 -32.19 19.23
CA LEU A 450 -18.03 -31.28 20.00
C LEU A 450 -19.14 -32.01 20.74
N THR A 451 -19.37 -33.29 20.44
CA THR A 451 -20.40 -34.09 21.12
C THR A 451 -19.75 -35.29 21.80
N MET B 2 3.67 0.43 -31.48
CA MET B 2 3.06 1.70 -31.00
C MET B 2 4.06 2.84 -30.99
N GLN B 3 3.58 4.02 -31.39
CA GLN B 3 4.35 5.25 -31.45
C GLN B 3 4.06 6.10 -30.22
N THR B 4 4.96 7.07 -29.97
CA THR B 4 4.86 7.89 -28.76
C THR B 4 3.45 8.45 -28.61
N GLN B 5 2.92 9.07 -29.67
CA GLN B 5 1.61 9.70 -29.58
C GLN B 5 0.50 8.68 -29.33
N ASP B 6 0.69 7.42 -29.75
CA ASP B 6 -0.30 6.39 -29.43
C ASP B 6 -0.33 6.10 -27.93
N TYR B 7 0.85 5.89 -27.34
CA TYR B 7 0.95 5.77 -25.89
C TYR B 7 0.31 6.97 -25.19
N GLN B 8 0.63 8.18 -25.66
CA GLN B 8 0.14 9.37 -24.99
C GLN B 8 -1.38 9.45 -25.05
N ALA B 9 -1.97 9.09 -26.19
CA ALA B 9 -3.41 9.18 -26.34
C ALA B 9 -4.12 8.17 -25.44
N LEU B 10 -3.65 6.92 -25.43
CA LEU B 10 -4.21 5.92 -24.52
C LEU B 10 -4.01 6.32 -23.07
N ASP B 11 -2.81 6.80 -22.74
CA ASP B 11 -2.53 7.22 -21.37
C ASP B 11 -3.45 8.36 -20.96
N ARG B 12 -3.62 9.35 -21.84
CA ARG B 12 -4.53 10.45 -21.53
C ARG B 12 -5.94 9.93 -21.28
N ALA B 13 -6.36 8.90 -22.04
CA ALA B 13 -7.74 8.46 -21.98
C ALA B 13 -8.05 7.69 -20.69
N HIS B 14 -7.07 6.99 -20.11
CA HIS B 14 -7.36 5.96 -19.13
C HIS B 14 -6.54 6.00 -17.84
N HIS B 15 -5.44 6.75 -17.79
CA HIS B 15 -4.48 6.64 -16.69
C HIS B 15 -4.40 7.95 -15.91
N LEU B 16 -4.76 7.89 -14.63
CA LEU B 16 -4.64 9.03 -13.71
C LEU B 16 -3.35 8.88 -12.91
N HIS B 17 -2.37 9.78 -13.16
CA HIS B 17 -1.05 9.67 -12.57
C HIS B 17 -1.00 10.20 -11.13
N PRO B 18 -0.06 9.70 -10.33
CA PRO B 18 0.18 10.30 -9.02
C PRO B 18 0.64 11.75 -9.13
N PHE B 19 0.25 12.54 -8.12
CA PHE B 19 0.69 13.92 -7.95
C PHE B 19 0.79 14.64 -9.30
N THR B 20 -0.34 14.72 -10.00
CA THR B 20 -0.38 15.21 -11.36
C THR B 20 -1.55 16.15 -11.57
N ASP B 21 -1.29 17.22 -12.32
CA ASP B 21 -2.34 18.09 -12.87
C ASP B 21 -2.84 17.36 -14.12
N PHE B 22 -3.91 16.58 -13.96
CA PHE B 22 -4.37 15.69 -15.02
C PHE B 22 -4.61 16.47 -16.30
N LYS B 23 -5.30 17.61 -16.19
CA LYS B 23 -5.69 18.36 -17.37
C LYS B 23 -4.46 18.90 -18.09
N ALA B 24 -3.55 19.54 -17.35
CA ALA B 24 -2.36 20.11 -17.96
C ALA B 24 -1.53 19.03 -18.66
N LEU B 25 -1.32 17.90 -18.00
CA LEU B 25 -0.50 16.84 -18.59
C LEU B 25 -1.16 16.28 -19.84
N GLY B 26 -2.48 16.11 -19.83
CA GLY B 26 -3.17 15.65 -21.02
C GLY B 26 -2.99 16.58 -22.20
N GLU B 27 -2.92 17.90 -21.95
CA GLU B 27 -2.73 18.85 -23.03
C GLU B 27 -1.31 18.89 -23.55
N GLU B 28 -0.31 18.69 -22.68
CA GLU B 28 1.08 18.73 -23.13
C GLU B 28 1.59 17.38 -23.58
N GLY B 29 1.02 16.28 -23.09
CA GLY B 29 1.45 14.95 -23.48
C GLY B 29 2.48 14.34 -22.55
N SER B 30 2.19 13.15 -22.04
CA SER B 30 3.07 12.50 -21.10
C SER B 30 4.35 12.00 -21.78
N ARG B 31 5.46 12.09 -21.06
CA ARG B 31 6.67 11.39 -21.44
C ARG B 31 6.47 9.90 -21.23
N VAL B 32 7.10 9.10 -22.09
CA VAL B 32 6.92 7.65 -22.05
C VAL B 32 8.29 7.04 -21.86
N VAL B 33 8.54 6.48 -20.67
CA VAL B 33 9.81 5.83 -20.34
C VAL B 33 9.68 4.35 -20.63
N THR B 34 10.62 3.80 -21.40
CA THR B 34 10.46 2.47 -21.94
C THR B 34 11.52 1.47 -21.51
N HIS B 35 12.76 1.90 -21.28
CA HIS B 35 13.78 0.98 -20.79
C HIS B 35 14.89 1.78 -20.14
N ALA B 36 15.73 1.08 -19.40
CA ALA B 36 16.78 1.70 -18.61
C ALA B 36 17.91 0.70 -18.40
N GLU B 37 19.12 1.24 -18.23
CA GLU B 37 20.30 0.44 -17.94
C GLU B 37 21.27 1.31 -17.15
N GLY B 38 21.95 0.71 -16.19
CA GLY B 38 22.91 1.48 -15.42
C GLY B 38 22.21 2.57 -14.65
N VAL B 39 22.67 3.80 -14.84
CA VAL B 39 22.03 4.97 -14.25
C VAL B 39 21.21 5.76 -15.28
N TYR B 40 20.90 5.15 -16.42
CA TYR B 40 20.27 5.85 -17.53
C TYR B 40 18.90 5.27 -17.86
N ILE B 41 17.95 6.16 -18.16
CA ILE B 41 16.64 5.78 -18.65
C ILE B 41 16.51 6.20 -20.10
N HIS B 42 15.57 5.59 -20.80
CA HIS B 42 15.30 5.88 -22.20
C HIS B 42 13.82 6.08 -22.40
N ASP B 43 13.46 7.02 -23.27
CA ASP B 43 12.06 7.32 -23.55
C ASP B 43 11.70 6.87 -24.97
N SER B 44 10.40 6.93 -25.25
CA SER B 44 9.87 6.40 -26.51
C SER B 44 10.37 7.17 -27.73
N GLU B 45 10.89 8.38 -27.55
CA GLU B 45 11.47 9.14 -28.65
C GLU B 45 12.95 8.85 -28.85
N GLY B 46 13.52 7.94 -28.07
CA GLY B 46 14.90 7.54 -28.24
C GLY B 46 15.91 8.30 -27.42
N ASN B 47 15.46 9.20 -26.55
CA ASN B 47 16.39 9.98 -25.73
C ASN B 47 16.93 9.12 -24.60
N ARG B 48 18.23 9.27 -24.35
CA ARG B 48 18.88 8.68 -23.18
C ARG B 48 19.07 9.77 -22.13
N ILE B 49 18.63 9.51 -20.91
CA ILE B 49 18.64 10.50 -19.84
C ILE B 49 19.33 9.91 -18.62
N LEU B 50 20.26 10.67 -18.05
CA LEU B 50 20.90 10.28 -16.79
C LEU B 50 19.90 10.46 -15.65
N ASP B 51 19.51 9.35 -15.00
CA ASP B 51 18.49 9.37 -13.97
C ASP B 51 19.12 9.78 -12.64
N GLY B 52 19.21 11.10 -12.42
CA GLY B 52 19.73 11.62 -11.17
C GLY B 52 18.84 11.43 -9.96
N MET B 53 17.65 10.85 -10.12
CA MET B 53 16.75 10.59 -9.00
C MET B 53 16.55 9.11 -8.72
N ALA B 54 17.26 8.23 -9.43
CA ALA B 54 17.16 6.79 -9.22
C ALA B 54 15.70 6.35 -9.15
N GLY B 55 14.97 6.62 -10.23
CA GLY B 55 13.55 6.36 -10.27
C GLY B 55 12.79 7.37 -9.46
N LEU B 56 12.55 7.05 -8.17
CA LEU B 56 11.98 7.98 -7.20
C LEU B 56 12.63 7.71 -5.83
N TRP B 57 13.92 8.04 -5.74
CA TRP B 57 14.75 7.84 -4.55
C TRP B 57 14.98 6.38 -4.20
N CYS B 58 14.81 5.44 -5.13
CA CYS B 58 14.70 4.04 -4.74
C CYS B 58 15.59 3.06 -5.49
N VAL B 59 16.02 3.35 -6.72
CA VAL B 59 16.79 2.38 -7.51
C VAL B 59 18.26 2.44 -7.13
N ASN B 60 18.60 1.93 -5.95
CA ASN B 60 19.94 2.14 -5.41
C ASN B 60 20.99 1.36 -6.19
N LEU B 61 20.70 0.11 -6.55
CA LEU B 61 21.64 -0.70 -7.32
C LEU B 61 21.56 -0.44 -8.82
N GLY B 62 20.85 0.60 -9.25
CA GLY B 62 20.77 0.93 -10.65
C GLY B 62 19.93 -0.05 -11.44
N TYR B 63 19.71 0.24 -12.71
CA TYR B 63 18.91 -0.62 -13.56
C TYR B 63 19.78 -1.71 -14.17
N GLY B 64 19.17 -2.85 -14.46
CA GLY B 64 19.85 -3.94 -15.13
C GLY B 64 20.59 -4.91 -14.24
N ARG B 65 20.25 -5.00 -12.95
CA ARG B 65 20.90 -5.95 -12.06
C ARG B 65 20.32 -7.34 -12.29
N ARG B 66 21.07 -8.18 -13.00
CA ARG B 66 20.59 -9.51 -13.35
C ARG B 66 20.20 -10.30 -12.10
N GLU B 67 20.95 -10.13 -11.01
CA GLU B 67 20.71 -10.94 -9.82
C GLU B 67 19.32 -10.69 -9.25
N LEU B 68 18.85 -9.43 -9.29
CA LEU B 68 17.51 -9.14 -8.81
C LEU B 68 16.45 -9.75 -9.71
N VAL B 69 16.68 -9.73 -11.03
CA VAL B 69 15.75 -10.38 -11.95
C VAL B 69 15.69 -11.87 -11.66
N GLU B 70 16.85 -12.49 -11.47
CA GLU B 70 16.90 -13.92 -11.22
C GLU B 70 16.24 -14.28 -9.90
N ALA B 71 16.40 -13.43 -8.88
CA ALA B 71 15.76 -13.70 -7.58
C ALA B 71 14.25 -13.72 -7.71
N ALA B 72 13.68 -12.76 -8.46
CA ALA B 72 12.24 -12.74 -8.66
C ALA B 72 11.78 -13.94 -9.48
N THR B 73 12.46 -14.22 -10.59
CA THR B 73 12.07 -15.33 -11.44
C THR B 73 12.07 -16.64 -10.67
N ALA B 74 13.12 -16.88 -9.89
CA ALA B 74 13.22 -18.14 -9.15
C ALA B 74 12.10 -18.29 -8.12
N GLN B 75 11.77 -17.21 -7.41
CA GLN B 75 10.71 -17.29 -6.41
C GLN B 75 9.34 -17.43 -7.06
N LEU B 76 9.11 -16.73 -8.18
CA LEU B 76 7.83 -16.84 -8.87
C LEU B 76 7.59 -18.26 -9.35
N GLU B 77 8.65 -18.99 -9.70
CA GLU B 77 8.52 -20.37 -10.15
C GLU B 77 8.28 -21.32 -8.97
N GLN B 78 8.73 -20.94 -7.78
CA GLN B 78 8.61 -21.81 -6.60
C GLN B 78 7.32 -21.51 -5.85
N LEU B 79 7.13 -20.24 -5.46
CA LEU B 79 5.95 -19.81 -4.70
C LEU B 79 5.72 -18.34 -5.01
N PRO B 80 4.93 -18.04 -6.04
CA PRO B 80 4.77 -16.62 -6.42
C PRO B 80 4.11 -15.80 -5.34
N TYR B 81 3.11 -16.35 -4.66
CA TYR B 81 2.43 -15.67 -3.57
C TYR B 81 1.92 -16.69 -2.57
N TYR B 82 2.01 -16.33 -1.30
CA TYR B 82 1.13 -16.92 -0.30
C TYR B 82 1.01 -15.93 0.87
N ASN B 83 -0.06 -16.06 1.63
CA ASN B 83 -0.34 -15.10 2.68
C ASN B 83 0.44 -15.44 3.94
N THR B 84 0.64 -14.41 4.77
CA THR B 84 1.19 -14.59 6.11
C THR B 84 0.13 -14.43 7.19
N PHE B 85 -1.15 -14.60 6.82
CA PHE B 85 -2.28 -14.48 7.72
C PHE B 85 -2.59 -15.78 8.47
N PHE B 86 -2.52 -16.92 7.79
CA PHE B 86 -3.12 -18.16 8.28
C PHE B 86 -2.19 -18.94 9.20
N LYS B 87 -1.67 -18.31 10.25
CA LYS B 87 -0.60 -18.92 11.05
C LYS B 87 0.48 -19.48 10.12
N THR B 88 0.82 -18.71 9.08
CA THR B 88 1.72 -19.15 8.04
C THR B 88 2.82 -18.12 7.79
N THR B 89 3.96 -18.62 7.33
CA THR B 89 5.03 -17.79 6.79
C THR B 89 5.58 -18.51 5.57
N HIS B 90 6.63 -17.96 4.97
CA HIS B 90 7.30 -18.61 3.86
C HIS B 90 8.78 -18.26 3.92
N PRO B 91 9.64 -18.99 3.22
CA PRO B 91 11.09 -18.84 3.40
C PRO B 91 11.57 -17.42 3.11
N PRO B 92 11.08 -16.76 2.06
CA PRO B 92 11.56 -15.39 1.81
C PRO B 92 11.28 -14.44 2.95
N ALA B 93 10.06 -14.47 3.52
CA ALA B 93 9.76 -13.62 4.66
C ALA B 93 10.70 -13.89 5.82
N VAL B 94 10.92 -15.17 6.14
CA VAL B 94 11.79 -15.52 7.26
C VAL B 94 13.19 -14.95 7.04
N ARG B 95 13.76 -15.22 5.87
CA ARG B 95 15.13 -14.81 5.60
C ARG B 95 15.26 -13.29 5.50
N LEU B 96 14.26 -12.61 4.92
CA LEU B 96 14.34 -11.16 4.82
C LEU B 96 14.26 -10.50 6.19
N ALA B 97 13.34 -10.96 7.05
CA ALA B 97 13.24 -10.41 8.40
C ALA B 97 14.53 -10.62 9.17
N GLU B 98 15.15 -11.79 9.02
CA GLU B 98 16.44 -12.03 9.67
C GLU B 98 17.48 -11.03 9.19
N LYS B 99 17.66 -10.93 7.87
CA LYS B 99 18.67 -10.03 7.31
C LYS B 99 18.40 -8.59 7.71
N LEU B 100 17.14 -8.16 7.62
CA LEU B 100 16.80 -6.77 7.92
C LEU B 100 17.11 -6.43 9.37
N CYS B 101 16.66 -7.27 10.29
CA CYS B 101 16.86 -6.99 11.71
C CYS B 101 18.33 -7.07 12.09
N ASP B 102 19.11 -7.91 11.40
CA ASP B 102 20.55 -7.94 11.64
C ASP B 102 21.21 -6.65 11.21
N LEU B 103 20.68 -5.98 10.19
CA LEU B 103 21.23 -4.70 9.76
C LEU B 103 20.71 -3.53 10.58
N ALA B 104 19.58 -3.71 11.27
CA ALA B 104 18.99 -2.61 12.01
C ALA B 104 19.84 -2.27 13.24
N PRO B 105 19.68 -1.07 13.78
CA PRO B 105 20.38 -0.72 15.02
C PRO B 105 20.00 -1.65 16.16
N ALA B 106 20.74 -1.51 17.25
CA ALA B 106 20.50 -2.32 18.43
C ALA B 106 19.09 -2.07 18.97
N HIS B 107 18.50 -3.13 19.54
CA HIS B 107 17.19 -3.09 20.18
C HIS B 107 16.05 -2.99 19.18
N ILE B 108 16.35 -3.12 17.89
CA ILE B 108 15.34 -3.15 16.84
C ILE B 108 15.46 -4.52 16.18
N ASN B 109 14.62 -5.46 16.60
CA ASN B 109 14.81 -6.87 16.24
C ASN B 109 13.61 -7.51 15.54
N ARG B 110 12.56 -6.75 15.22
CA ARG B 110 11.40 -7.32 14.56
C ARG B 110 10.94 -6.40 13.44
N VAL B 111 10.23 -6.98 12.47
CA VAL B 111 9.71 -6.24 11.34
C VAL B 111 8.29 -6.69 11.05
N PHE B 112 7.43 -5.72 10.74
CA PHE B 112 6.10 -5.94 10.20
C PHE B 112 6.12 -5.50 8.74
N PHE B 113 5.80 -6.41 7.84
CA PHE B 113 5.91 -6.11 6.41
C PHE B 113 4.66 -5.43 5.89
N THR B 114 4.88 -4.52 4.94
CA THR B 114 3.81 -3.84 4.22
C THR B 114 4.19 -3.78 2.75
N GLY B 115 3.35 -3.12 1.95
CA GLY B 115 3.62 -2.99 0.53
C GLY B 115 4.28 -1.69 0.13
N SER B 116 4.20 -0.67 0.99
CA SER B 116 4.61 0.68 0.65
C SER B 116 5.09 1.42 1.89
N GLY B 117 5.74 2.56 1.67
CA GLY B 117 6.09 3.43 2.78
C GLY B 117 4.88 4.05 3.44
N SER B 118 3.83 4.33 2.66
CA SER B 118 2.61 4.88 3.23
C SER B 118 1.95 3.88 4.18
N GLU B 119 1.75 2.64 3.72
CA GLU B 119 1.18 1.61 4.58
C GLU B 119 2.05 1.38 5.81
N ALA B 120 3.36 1.53 5.66
CA ALA B 120 4.25 1.44 6.82
C ALA B 120 3.94 2.53 7.83
N ASN B 121 3.66 3.76 7.35
CA ASN B 121 3.32 4.82 8.30
C ASN B 121 1.94 4.63 8.89
N ASP B 122 0.99 4.04 8.15
CA ASP B 122 -0.27 3.63 8.77
C ASP B 122 -0.04 2.60 9.88
N THR B 123 0.84 1.63 9.61
CA THR B 123 1.20 0.65 10.62
C THR B 123 1.81 1.33 11.83
N VAL B 124 2.74 2.26 11.60
CA VAL B 124 3.34 3.04 12.69
C VAL B 124 2.24 3.68 13.54
N LEU B 125 1.29 4.34 12.90
CA LEU B 125 0.28 5.10 13.65
C LEU B 125 -0.56 4.18 14.52
N ARG B 126 -1.02 3.05 13.97
CA ARG B 126 -1.82 2.13 14.76
C ARG B 126 -0.98 1.47 15.85
N MET B 127 0.27 1.14 15.55
CA MET B 127 1.14 0.55 16.56
C MET B 127 1.39 1.52 17.71
N VAL B 128 1.64 2.79 17.40
CA VAL B 128 1.94 3.78 18.43
C VAL B 128 0.76 3.93 19.37
N ARG B 129 -0.44 4.05 18.82
CA ARG B 129 -1.62 4.32 19.64
C ARG B 129 -2.11 3.07 20.35
N ARG B 130 -1.95 1.91 19.71
CA ARG B 130 -2.22 0.64 20.39
C ARG B 130 -1.25 0.44 21.55
N TYR B 131 0.02 0.80 21.34
CA TYR B 131 1.04 0.65 22.39
C TYR B 131 0.61 1.36 23.67
N TRP B 132 0.32 2.66 23.57
CA TRP B 132 0.01 3.43 24.76
C TRP B 132 -1.30 2.98 25.38
N ALA B 133 -2.26 2.52 24.58
CA ALA B 133 -3.49 1.96 25.14
C ALA B 133 -3.17 0.73 25.98
N LEU B 134 -2.28 -0.14 25.51
CA LEU B 134 -1.93 -1.33 26.29
C LEU B 134 -1.14 -0.95 27.54
N LYS B 135 -0.43 0.19 27.53
CA LYS B 135 0.26 0.66 28.73
C LYS B 135 -0.68 1.25 29.77
N GLY B 136 -1.98 1.27 29.51
CA GLY B 136 -2.92 1.90 30.42
C GLY B 136 -2.98 3.40 30.31
N GLN B 137 -2.52 3.97 29.20
CA GLN B 137 -2.48 5.42 29.02
C GLN B 137 -3.17 5.78 27.71
N PRO B 138 -4.50 5.60 27.65
CA PRO B 138 -5.21 5.80 26.38
C PRO B 138 -5.31 7.24 25.92
N ASP B 139 -4.95 8.21 26.76
CA ASP B 139 -4.95 9.61 26.35
C ASP B 139 -3.65 10.03 25.68
N LYS B 140 -2.62 9.19 25.71
CA LYS B 140 -1.37 9.44 24.99
C LYS B 140 -1.57 9.08 23.53
N GLN B 141 -2.06 10.05 22.75
CA GLN B 141 -2.48 9.78 21.38
C GLN B 141 -1.82 10.67 20.35
N TRP B 142 -1.39 11.87 20.75
CA TRP B 142 -0.96 12.86 19.78
C TRP B 142 0.38 12.48 19.15
N ILE B 143 0.48 12.68 17.85
CA ILE B 143 1.71 12.50 17.10
C ILE B 143 2.19 13.88 16.66
N ILE B 144 3.45 14.18 16.94
CA ILE B 144 4.05 15.44 16.49
C ILE B 144 4.93 15.14 15.29
N GLY B 145 4.55 15.69 14.13
CA GLY B 145 5.40 15.74 12.97
C GLY B 145 5.92 17.14 12.73
N ARG B 146 6.47 17.34 11.54
CA ARG B 146 7.04 18.62 11.16
C ARG B 146 6.39 19.14 9.88
N GLU B 147 6.26 20.45 9.81
CA GLU B 147 5.85 21.10 8.57
C GLU B 147 6.82 20.73 7.45
N ASN B 148 6.27 20.56 6.25
CA ASN B 148 7.02 20.17 5.06
C ASN B 148 7.62 18.77 5.17
N ALA B 149 7.15 17.97 6.12
CA ALA B 149 7.52 16.56 6.14
C ALA B 149 6.66 15.78 5.16
N TYR B 150 7.19 14.65 4.72
CA TYR B 150 6.44 13.73 3.87
C TYR B 150 6.50 12.35 4.48
N HIS B 151 5.32 11.78 4.74
CA HIS B 151 5.21 10.44 5.32
C HIS B 151 4.23 9.57 4.54
N GLY B 152 3.96 9.91 3.29
CA GLY B 152 3.16 9.07 2.41
C GLY B 152 1.84 9.72 2.04
N SER B 153 0.99 8.92 1.39
CA SER B 153 -0.20 9.44 0.72
C SER B 153 -1.47 8.69 1.09
N THR B 154 -1.41 7.75 2.02
CA THR B 154 -2.64 7.33 2.67
C THR B 154 -3.18 8.49 3.49
N LEU B 155 -4.38 8.33 4.04
CA LEU B 155 -4.91 9.37 4.92
C LEU B 155 -3.99 9.57 6.13
N ALA B 156 -3.48 8.48 6.70
CA ALA B 156 -2.55 8.59 7.81
C ALA B 156 -1.25 9.25 7.36
N GLY B 157 -0.69 8.79 6.24
CA GLY B 157 0.56 9.37 5.77
C GLY B 157 0.42 10.85 5.45
N MET B 158 -0.66 11.23 4.78
CA MET B 158 -0.92 12.64 4.48
C MET B 158 -1.13 13.44 5.76
N SER B 159 -1.83 12.87 6.74
CA SER B 159 -2.06 13.56 8.02
C SER B 159 -0.75 13.74 8.78
N LEU B 160 0.10 12.71 8.77
CA LEU B 160 1.39 12.79 9.44
C LEU B 160 2.33 13.75 8.73
N GLY B 161 2.24 13.81 7.40
CA GLY B 161 3.04 14.74 6.65
C GLY B 161 2.65 16.17 6.95
N GLY B 162 3.50 17.09 6.50
CA GLY B 162 3.31 18.51 6.72
C GLY B 162 3.11 19.31 5.44
N MET B 163 2.52 18.70 4.42
CA MET B 163 2.32 19.34 3.12
C MET B 163 0.93 19.98 3.07
N ALA B 164 0.89 21.31 3.09
CA ALA B 164 -0.41 21.99 3.05
C ALA B 164 -1.23 21.62 1.82
N PRO B 165 -0.67 21.53 0.61
CA PRO B 165 -1.51 21.15 -0.55
C PRO B 165 -2.10 19.74 -0.42
N MET B 166 -1.43 18.82 0.28
CA MET B 166 -2.02 17.52 0.54
C MET B 166 -3.13 17.62 1.59
N HIS B 167 -2.86 18.34 2.68
CA HIS B 167 -3.87 18.51 3.71
C HIS B 167 -5.14 19.14 3.15
N ALA B 168 -5.01 19.95 2.10
CA ALA B 168 -6.15 20.67 1.54
C ALA B 168 -7.01 19.82 0.61
N GLN B 169 -6.69 18.54 0.45
CA GLN B 169 -7.39 17.69 -0.52
C GLN B 169 -7.74 16.36 0.10
N GLY B 170 -9.04 16.09 0.24
CA GLY B 170 -9.51 14.80 0.69
C GLY B 170 -9.61 14.63 2.18
N GLY B 171 -9.43 15.71 2.97
CA GLY B 171 -9.60 15.61 4.39
C GLY B 171 -11.08 15.47 4.75
N PRO B 172 -11.38 15.44 6.06
CA PRO B 172 -10.51 15.65 7.22
C PRO B 172 -9.41 14.62 7.44
N CYS B 173 -8.34 15.07 8.09
CA CYS B 173 -7.20 14.23 8.42
C CYS B 173 -7.53 13.31 9.59
N VAL B 174 -6.64 12.34 9.82
CA VAL B 174 -6.70 11.54 11.05
C VAL B 174 -6.52 12.48 12.24
N PRO B 175 -7.32 12.36 13.30
CA PRO B 175 -7.18 13.28 14.43
C PRO B 175 -5.87 13.09 15.20
N GLY B 176 -5.50 14.14 15.93
CA GLY B 176 -4.41 14.03 16.88
C GLY B 176 -3.01 14.12 16.32
N ILE B 177 -2.81 14.87 15.24
CA ILE B 177 -1.48 15.09 14.66
C ILE B 177 -1.18 16.57 14.75
N ALA B 178 -0.06 16.93 15.37
CA ALA B 178 0.44 18.29 15.42
C ALA B 178 1.70 18.40 14.56
N HIS B 179 2.07 19.64 14.23
CA HIS B 179 3.22 19.90 13.37
C HIS B 179 4.04 21.06 13.89
N ILE B 180 5.34 20.85 14.02
CA ILE B 180 6.28 21.88 14.44
C ILE B 180 7.10 22.31 13.23
N ARG B 181 7.88 23.37 13.41
CA ARG B 181 8.68 23.94 12.34
C ARG B 181 9.78 22.98 11.90
N GLN B 182 10.24 23.17 10.64
CA GLN B 182 11.24 22.29 10.03
C GLN B 182 12.63 22.88 10.16
N PRO B 183 13.67 22.05 10.33
CA PRO B 183 15.04 22.59 10.46
C PRO B 183 15.66 22.97 9.11
N TYR B 184 15.01 23.88 8.39
CA TYR B 184 15.43 24.31 7.06
C TYR B 184 16.13 25.66 7.18
N TRP B 185 17.45 25.63 7.33
CA TRP B 185 18.18 26.87 7.63
C TRP B 185 18.11 27.86 6.47
N PHE B 186 18.38 27.41 5.24
CA PHE B 186 18.46 28.36 4.14
C PHE B 186 17.13 29.08 3.95
N GLY B 187 16.02 28.35 4.00
CA GLY B 187 14.73 28.95 3.74
C GLY B 187 14.15 29.72 4.91
N GLU B 188 14.47 29.30 6.14
CA GLU B 188 13.75 29.82 7.30
C GLU B 188 14.62 30.23 8.48
N GLY B 189 15.95 30.14 8.37
CA GLY B 189 16.79 30.35 9.53
C GLY B 189 18.00 31.22 9.34
N ARG B 190 18.11 31.86 8.17
CA ARG B 190 19.32 32.63 7.89
C ARG B 190 19.43 33.87 8.77
N ASP B 191 18.41 34.13 9.60
CA ASP B 191 18.48 35.16 10.63
C ASP B 191 19.27 34.70 11.84
N MET B 192 19.83 33.50 11.81
CA MET B 192 20.61 32.94 12.90
C MET B 192 21.80 32.19 12.33
N SER B 193 22.76 31.88 13.19
CA SER B 193 23.76 30.89 12.84
C SER B 193 23.09 29.52 12.70
N PRO B 194 23.59 28.66 11.80
CA PRO B 194 23.03 27.29 11.74
C PRO B 194 22.95 26.60 13.08
N GLU B 195 23.96 26.77 13.94
CA GLU B 195 23.94 26.12 15.25
C GLU B 195 22.76 26.59 16.08
N ALA B 196 22.58 27.91 16.20
CA ALA B 196 21.46 28.44 16.98
C ALA B 196 20.12 28.05 16.37
N PHE B 197 20.03 28.05 15.04
CA PHE B 197 18.79 27.66 14.39
C PHE B 197 18.41 26.22 14.70
N GLY B 198 19.39 25.32 14.62
CA GLY B 198 19.11 23.93 14.94
C GLY B 198 18.54 23.75 16.33
N GLN B 199 19.05 24.51 17.29
CA GLN B 199 18.57 24.40 18.66
C GLN B 199 17.17 24.99 18.81
N THR B 200 16.88 26.08 18.10
CA THR B 200 15.53 26.63 18.11
C THR B 200 14.52 25.62 17.58
N CYS B 201 14.85 24.95 16.47
CA CYS B 201 13.92 23.99 15.89
C CYS B 201 13.74 22.76 16.78
N ALA B 202 14.79 22.37 17.52
CA ALA B 202 14.63 21.31 18.51
C ALA B 202 13.77 21.79 19.68
N GLU B 203 13.95 23.03 20.12
CA GLU B 203 13.14 23.56 21.21
C GLU B 203 11.67 23.65 20.81
N ALA B 204 11.39 23.79 19.51
CA ALA B 204 10.00 23.80 19.05
C ALA B 204 9.29 22.50 19.41
N LEU B 205 10.01 21.37 19.41
CA LEU B 205 9.41 20.11 19.83
C LEU B 205 8.99 20.17 21.30
N GLU B 206 9.89 20.62 22.17
CA GLU B 206 9.53 20.74 23.58
C GLU B 206 8.32 21.66 23.76
N GLU B 207 8.30 22.78 23.02
CA GLU B 207 7.18 23.70 23.12
C GLU B 207 5.88 23.00 22.75
N LYS B 208 5.89 22.22 21.67
CA LYS B 208 4.67 21.56 21.25
C LYS B 208 4.23 20.55 22.30
N ILE B 209 5.18 19.78 22.85
CA ILE B 209 4.88 18.81 23.90
C ILE B 209 4.20 19.50 25.08
N LEU B 210 4.77 20.61 25.55
CA LEU B 210 4.20 21.34 26.67
C LEU B 210 2.86 22.00 26.31
N GLU B 211 2.67 22.37 25.03
CA GLU B 211 1.40 22.93 24.62
C GLU B 211 0.30 21.87 24.67
N LEU B 212 0.58 20.67 24.20
CA LEU B 212 -0.41 19.59 24.24
C LEU B 212 -0.47 18.93 25.61
N GLY B 213 0.66 18.91 26.33
CA GLY B 213 0.77 18.15 27.55
C GLY B 213 1.42 16.81 27.27
N GLU B 214 2.56 16.53 27.90
CA GLU B 214 3.27 15.28 27.63
C GLU B 214 2.38 14.07 27.85
N GLU B 215 1.47 14.13 28.81
CA GLU B 215 0.60 13.00 29.08
C GLU B 215 -0.35 12.71 27.92
N LYS B 216 -0.49 13.63 26.97
CA LYS B 216 -1.33 13.44 25.79
C LYS B 216 -0.52 13.14 24.53
N VAL B 217 0.81 13.15 24.60
CA VAL B 217 1.67 12.99 23.43
C VAL B 217 2.16 11.54 23.36
N ALA B 218 1.98 10.93 22.20
CA ALA B 218 2.36 9.54 21.97
C ALA B 218 3.71 9.40 21.27
N ALA B 219 4.03 10.29 20.33
CA ALA B 219 5.22 10.06 19.52
C ALA B 219 5.62 11.33 18.77
N PHE B 220 6.90 11.39 18.43
CA PHE B 220 7.47 12.36 17.51
C PHE B 220 7.94 11.59 16.27
N ILE B 221 7.53 12.04 15.10
CA ILE B 221 7.87 11.40 13.84
C ILE B 221 8.65 12.38 12.97
N ALA B 222 9.75 11.93 12.38
CA ALA B 222 10.56 12.80 11.56
C ALA B 222 11.40 11.98 10.60
N GLU B 223 11.60 12.52 9.39
CA GLU B 223 12.64 12.03 8.50
C GLU B 223 13.99 12.48 9.03
N PRO B 224 15.00 11.60 9.13
CA PRO B 224 16.33 12.09 9.53
C PRO B 224 16.80 13.25 8.67
N VAL B 225 16.61 13.12 7.36
CA VAL B 225 16.77 14.20 6.40
C VAL B 225 15.51 14.24 5.55
N GLN B 226 14.93 15.43 5.38
CA GLN B 226 13.70 15.57 4.60
C GLN B 226 13.99 15.40 3.12
N GLY B 227 13.29 14.47 2.47
CA GLY B 227 13.51 14.18 1.07
C GLY B 227 12.60 14.95 0.14
N ALA B 228 11.35 14.53 0.03
CA ALA B 228 10.41 15.16 -0.90
C ALA B 228 10.26 16.65 -0.62
N GLY B 229 10.44 17.07 0.64
CA GLY B 229 10.36 18.47 1.00
C GLY B 229 11.52 19.31 0.52
N GLY B 230 12.59 18.69 0.01
CA GLY B 230 13.65 19.45 -0.63
C GLY B 230 15.06 19.08 -0.21
N ALA B 231 15.30 17.82 0.17
CA ALA B 231 16.62 17.35 0.55
C ALA B 231 17.27 18.31 1.56
N ILE B 232 16.56 18.50 2.67
CA ILE B 232 16.92 19.50 3.66
C ILE B 232 17.67 18.77 4.78
N MET B 233 18.99 18.87 4.76
CA MET B 233 19.78 18.37 5.87
C MET B 233 19.74 19.38 7.02
N PRO B 234 19.45 18.96 8.25
CA PRO B 234 19.36 19.91 9.35
C PRO B 234 20.74 20.36 9.79
N PRO B 235 20.83 21.47 10.52
CA PRO B 235 22.11 21.83 11.15
C PRO B 235 22.59 20.70 12.04
N GLU B 236 23.92 20.64 12.22
CA GLU B 236 24.50 19.57 13.03
C GLU B 236 24.05 19.65 14.49
N SER B 237 23.58 20.82 14.94
CA SER B 237 23.09 20.98 16.30
C SER B 237 21.68 20.41 16.49
N TYR B 238 20.96 20.12 15.41
CA TYR B 238 19.54 19.84 15.53
C TYR B 238 19.30 18.52 16.25
N TRP B 239 19.83 17.42 15.71
CA TRP B 239 19.46 16.11 16.25
C TRP B 239 20.02 15.88 17.65
N PRO B 240 21.24 16.35 17.96
CA PRO B 240 21.68 16.26 19.37
C PRO B 240 20.75 16.97 20.33
N ALA B 241 20.25 18.15 19.93
CA ALA B 241 19.31 18.87 20.77
C ALA B 241 17.96 18.16 20.83
N VAL B 242 17.52 17.54 19.72
CA VAL B 242 16.28 16.77 19.76
C VAL B 242 16.40 15.61 20.75
N LYS B 243 17.55 14.92 20.74
CA LYS B 243 17.76 13.83 21.68
C LYS B 243 17.65 14.34 23.12
N LYS B 244 18.10 15.56 23.36
CA LYS B 244 18.00 16.15 24.69
C LYS B 244 16.54 16.30 25.11
N VAL B 245 15.69 16.76 24.18
CA VAL B 245 14.27 16.95 24.48
C VAL B 245 13.58 15.62 24.73
N LEU B 246 13.83 14.63 23.87
CA LEU B 246 13.14 13.35 23.99
C LEU B 246 13.50 12.63 25.29
N ALA B 247 14.72 12.84 25.80
CA ALA B 247 15.14 12.23 27.05
C ALA B 247 14.34 12.74 28.23
N LYS B 248 13.76 13.94 28.13
CA LYS B 248 13.02 14.53 29.23
C LYS B 248 11.58 14.03 29.30
N TYR B 249 11.06 13.47 28.20
CA TYR B 249 9.65 13.11 28.09
C TYR B 249 9.52 11.66 27.64
N ASP B 250 8.44 11.01 28.08
CA ASP B 250 8.17 9.60 27.76
C ASP B 250 7.37 9.56 26.46
N ILE B 251 8.10 9.64 25.35
CA ILE B 251 7.50 9.74 24.02
C ILE B 251 8.26 8.82 23.08
N LEU B 252 7.54 8.19 22.16
CA LEU B 252 8.19 7.32 21.18
C LEU B 252 8.81 8.15 20.06
N LEU B 253 9.92 7.65 19.53
CA LEU B 253 10.59 8.25 18.38
C LEU B 253 10.35 7.38 17.16
N VAL B 254 9.77 7.97 16.12
CA VAL B 254 9.59 7.31 14.83
C VAL B 254 10.51 8.02 13.84
N ALA B 255 11.52 7.30 13.36
CA ALA B 255 12.41 7.80 12.31
C ALA B 255 11.93 7.21 10.98
N ASP B 256 11.38 8.07 10.12
CA ASP B 256 10.89 7.62 8.82
C ASP B 256 12.09 7.44 7.88
N GLU B 257 12.46 6.19 7.63
CA GLU B 257 13.65 5.84 6.87
C GLU B 257 13.34 5.44 5.43
N VAL B 258 12.18 5.83 4.92
CA VAL B 258 11.75 5.36 3.60
C VAL B 258 12.74 5.83 2.53
N ILE B 259 13.26 7.05 2.64
CA ILE B 259 14.28 7.53 1.72
C ILE B 259 15.69 7.29 2.24
N CYS B 260 15.94 7.58 3.51
CA CYS B 260 17.31 7.55 4.03
C CYS B 260 17.84 6.13 4.23
N GLY B 261 16.96 5.13 4.24
CA GLY B 261 17.43 3.78 4.47
C GLY B 261 18.25 3.24 3.31
N PHE B 262 19.19 2.35 3.65
CA PHE B 262 19.84 1.47 2.69
C PHE B 262 20.83 2.20 1.78
N GLY B 263 21.61 3.10 2.37
CA GLY B 263 22.82 3.63 1.77
C GLY B 263 22.77 5.08 1.37
N ARG B 264 21.58 5.68 1.28
CA ARG B 264 21.43 7.00 0.68
C ARG B 264 22.39 8.01 1.27
N LEU B 265 22.54 8.02 2.59
CA LEU B 265 23.36 9.02 3.28
C LEU B 265 24.70 8.45 3.73
N GLY B 266 25.05 7.25 3.29
CA GLY B 266 26.29 6.62 3.71
C GLY B 266 26.15 5.68 4.88
N GLU B 267 24.92 5.40 5.32
CA GLU B 267 24.66 4.45 6.39
C GLU B 267 23.51 3.56 5.96
N TRP B 268 23.36 2.43 6.64
CA TRP B 268 22.20 1.58 6.39
C TRP B 268 20.91 2.29 6.78
N PHE B 269 20.98 3.22 7.74
CA PHE B 269 19.82 3.99 8.14
C PHE B 269 20.29 5.39 8.52
N GLY B 270 19.50 6.39 8.12
CA GLY B 270 19.82 7.76 8.50
C GLY B 270 19.89 7.93 10.01
N SER B 271 19.07 7.18 10.75
CA SER B 271 19.14 7.20 12.21
C SER B 271 20.56 6.95 12.70
N GLN B 272 21.31 6.09 12.01
CA GLN B 272 22.66 5.77 12.43
C GLN B 272 23.61 6.93 12.16
N HIS B 273 23.34 7.73 11.13
CA HIS B 273 24.20 8.88 10.85
C HIS B 273 24.14 9.90 11.97
N TYR B 274 22.97 10.03 12.61
CA TYR B 274 22.77 11.02 13.67
C TYR B 274 22.71 10.39 15.05
N GLY B 275 23.01 9.09 15.17
CA GLY B 275 23.04 8.44 16.46
C GLY B 275 21.72 8.38 17.20
N LEU B 276 20.63 8.17 16.47
CA LEU B 276 19.31 8.05 17.09
C LEU B 276 18.98 6.58 17.38
N GLU B 277 18.09 6.37 18.35
CA GLU B 277 17.55 5.05 18.66
C GLU B 277 16.03 5.15 18.56
N PRO B 278 15.48 5.05 17.36
CA PRO B 278 14.03 5.14 17.22
C PRO B 278 13.35 3.89 17.78
N ASP B 279 12.09 4.07 18.14
CA ASP B 279 11.26 2.95 18.56
C ASP B 279 10.63 2.26 17.36
N LEU B 280 10.42 3.00 16.28
CA LEU B 280 9.85 2.45 15.05
C LEU B 280 10.53 3.12 13.86
N MET B 281 10.69 2.34 12.78
CA MET B 281 11.32 2.84 11.56
C MET B 281 10.57 2.29 10.35
N PRO B 282 9.74 3.10 9.70
CA PRO B 282 9.17 2.67 8.42
C PRO B 282 10.22 2.69 7.32
N ILE B 283 10.08 1.77 6.38
CA ILE B 283 11.04 1.59 5.30
C ILE B 283 10.31 1.17 4.03
N ALA B 284 10.95 1.46 2.89
CA ALA B 284 10.49 1.02 1.57
C ALA B 284 11.54 1.46 0.55
N LYS B 285 11.09 1.85 -0.65
CA LYS B 285 11.96 2.40 -1.68
C LYS B 285 13.24 1.59 -1.86
N GLY B 286 14.36 2.04 -1.29
CA GLY B 286 15.63 1.36 -1.50
C GLY B 286 15.69 -0.05 -0.97
N LEU B 287 14.71 -0.44 -0.13
CA LEU B 287 14.66 -1.79 0.42
C LEU B 287 14.81 -2.86 -0.67
N SER B 288 14.25 -2.59 -1.85
CA SER B 288 14.28 -3.53 -2.96
C SER B 288 14.90 -2.91 -4.21
N SER B 289 15.61 -1.79 -4.07
CA SER B 289 16.03 -0.97 -5.21
C SER B 289 14.86 -0.68 -6.13
N GLY B 290 13.64 -0.69 -5.57
CA GLY B 290 12.45 -0.43 -6.34
C GLY B 290 12.05 -1.51 -7.33
N TYR B 291 12.80 -2.60 -7.42
CA TYR B 291 12.49 -3.61 -8.43
C TYR B 291 11.13 -4.27 -8.19
N LEU B 292 10.70 -4.38 -6.95
CA LEU B 292 9.35 -4.86 -6.66
C LEU B 292 8.85 -4.13 -5.41
N PRO B 293 7.54 -3.91 -5.29
CA PRO B 293 7.03 -3.14 -4.15
C PRO B 293 7.09 -3.94 -2.86
N ILE B 294 7.69 -3.33 -1.84
CA ILE B 294 7.70 -3.91 -0.51
C ILE B 294 8.12 -2.83 0.47
N GLY B 295 7.51 -2.82 1.65
CA GLY B 295 7.90 -1.92 2.71
C GLY B 295 7.73 -2.62 4.04
N GLY B 296 7.90 -1.90 5.13
CA GLY B 296 7.67 -2.47 6.44
C GLY B 296 7.99 -1.48 7.53
N VAL B 297 7.83 -1.94 8.76
CA VAL B 297 8.17 -1.18 9.95
C VAL B 297 9.15 -2.02 10.75
N LEU B 298 10.35 -1.49 10.96
CA LEU B 298 11.27 -2.09 11.92
C LEU B 298 10.83 -1.65 13.31
N VAL B 299 10.61 -2.61 14.19
CA VAL B 299 9.92 -2.37 15.46
C VAL B 299 10.92 -2.58 16.58
N GLY B 300 11.08 -1.55 17.42
CA GLY B 300 11.99 -1.64 18.54
C GLY B 300 11.44 -2.55 19.64
N ASP B 301 12.36 -3.00 20.49
CA ASP B 301 12.01 -3.97 21.53
C ASP B 301 10.94 -3.43 22.46
N ARG B 302 10.97 -2.13 22.77
CA ARG B 302 10.01 -1.57 23.71
C ARG B 302 8.58 -1.69 23.18
N VAL B 303 8.36 -1.29 21.92
CA VAL B 303 7.01 -1.42 21.36
C VAL B 303 6.68 -2.89 21.12
N ALA B 304 7.64 -3.65 20.59
CA ALA B 304 7.38 -5.05 20.26
C ALA B 304 6.95 -5.84 21.49
N GLU B 305 7.62 -5.62 22.62
CA GLU B 305 7.35 -6.43 23.81
C GLU B 305 5.95 -6.18 24.36
N THR B 306 5.51 -4.92 24.35
CA THR B 306 4.16 -4.63 24.80
C THR B 306 3.12 -5.25 23.87
N LEU B 307 3.28 -5.07 22.56
CA LEU B 307 2.35 -5.68 21.61
C LEU B 307 2.32 -7.20 21.76
N ILE B 308 3.48 -7.82 21.86
CA ILE B 308 3.53 -9.29 21.94
C ILE B 308 2.93 -9.77 23.25
N GLU B 309 3.43 -9.23 24.37
CA GLU B 309 3.10 -9.79 25.68
C GLU B 309 1.72 -9.36 26.17
N GLU B 310 1.25 -8.18 25.76
CA GLU B 310 0.01 -7.62 26.27
C GLU B 310 -1.10 -7.56 25.24
N GLY B 311 -0.78 -7.60 23.95
CA GLY B 311 -1.72 -7.19 22.92
C GLY B 311 -2.59 -8.26 22.32
N GLY B 312 -2.27 -9.53 22.50
CA GLY B 312 -3.03 -10.55 21.81
C GLY B 312 -2.86 -10.42 20.31
N GLU B 313 -3.97 -10.54 19.58
CA GLU B 313 -3.94 -10.34 18.14
C GLU B 313 -3.90 -8.85 17.81
N PHE B 314 -3.04 -8.48 16.86
CA PHE B 314 -3.02 -7.15 16.28
C PHE B 314 -3.83 -7.22 14.99
N PHE B 315 -5.03 -6.62 15.01
CA PHE B 315 -5.96 -6.74 13.88
C PHE B 315 -5.56 -5.75 12.79
N HIS B 316 -4.47 -6.09 12.12
CA HIS B 316 -3.81 -5.18 11.19
C HIS B 316 -3.00 -5.99 10.20
N GLY B 317 -2.96 -5.55 8.96
CA GLY B 317 -2.09 -6.13 7.97
C GLY B 317 -2.69 -6.09 6.59
N PHE B 318 -1.87 -6.48 5.61
CA PHE B 318 -2.22 -6.35 4.21
C PHE B 318 -2.02 -7.66 3.47
N THR B 319 -2.92 -7.94 2.52
CA THR B 319 -2.87 -9.13 1.69
C THR B 319 -1.46 -9.41 1.20
N TYR B 320 -0.76 -8.38 0.75
CA TYR B 320 0.57 -8.54 0.17
C TYR B 320 1.69 -8.26 1.17
N SER B 321 1.36 -8.20 2.46
CA SER B 321 2.40 -8.17 3.50
C SER B 321 3.32 -9.37 3.35
N GLY B 322 4.61 -9.12 3.22
CA GLY B 322 5.58 -10.18 3.13
C GLY B 322 5.62 -10.88 1.80
N HIS B 323 4.97 -10.34 0.77
CA HIS B 323 4.86 -11.00 -0.53
C HIS B 323 6.14 -11.75 -0.87
N PRO B 324 6.08 -13.08 -1.05
CA PRO B 324 7.34 -13.84 -1.11
C PRO B 324 8.23 -13.47 -2.28
N THR B 325 7.66 -13.10 -3.44
CA THR B 325 8.51 -12.69 -4.55
C THR B 325 9.16 -11.34 -4.29
N CYS B 326 8.40 -10.38 -3.76
CA CYS B 326 8.97 -9.09 -3.39
C CYS B 326 10.02 -9.24 -2.30
N ALA B 327 9.75 -10.10 -1.31
CA ALA B 327 10.72 -10.32 -0.24
C ALA B 327 11.99 -10.98 -0.77
N ALA B 328 11.84 -11.94 -1.68
CA ALA B 328 13.01 -12.57 -2.30
C ALA B 328 13.90 -11.54 -2.99
N VAL B 329 13.28 -10.59 -3.70
CA VAL B 329 14.04 -9.55 -4.38
C VAL B 329 14.70 -8.60 -3.37
N ALA B 330 13.95 -8.19 -2.35
CA ALA B 330 14.53 -7.33 -1.33
C ALA B 330 15.71 -8.00 -0.64
N LEU B 331 15.56 -9.27 -0.28
CA LEU B 331 16.65 -10.00 0.36
C LEU B 331 17.90 -9.98 -0.51
N LYS B 332 17.74 -10.28 -1.81
CA LYS B 332 18.89 -10.31 -2.69
C LYS B 332 19.51 -8.92 -2.82
N ASN B 333 18.66 -7.90 -2.88
CA ASN B 333 19.15 -6.52 -2.94
C ASN B 333 20.00 -6.19 -1.73
N LEU B 334 19.52 -6.52 -0.53
CA LEU B 334 20.32 -6.27 0.68
C LEU B 334 21.63 -7.04 0.65
N GLU B 335 21.58 -8.32 0.25
CA GLU B 335 22.81 -9.13 0.21
C GLU B 335 23.84 -8.51 -0.74
N LEU B 336 23.38 -7.99 -1.88
CA LEU B 336 24.29 -7.36 -2.83
C LEU B 336 24.83 -6.04 -2.29
N LEU B 337 23.94 -5.20 -1.75
CA LEU B 337 24.40 -3.94 -1.16
C LEU B 337 25.50 -4.20 -0.14
N GLU B 338 25.36 -5.24 0.66
CA GLU B 338 26.33 -5.57 1.70
C GLU B 338 27.57 -6.24 1.11
N ALA B 339 27.37 -7.27 0.28
CA ALA B 339 28.50 -8.04 -0.23
C ALA B 339 29.41 -7.19 -1.11
N GLU B 340 28.84 -6.23 -1.84
CA GLU B 340 29.61 -5.37 -2.72
C GLU B 340 30.03 -4.07 -2.04
N GLY B 341 29.77 -3.93 -0.74
CA GLY B 341 30.24 -2.77 0.00
C GLY B 341 29.65 -1.45 -0.45
N VAL B 342 28.42 -1.46 -0.95
CA VAL B 342 27.85 -0.27 -1.58
C VAL B 342 27.68 0.85 -0.54
N VAL B 343 27.21 0.51 0.66
CA VAL B 343 27.02 1.54 1.69
C VAL B 343 28.36 2.16 2.07
N ASP B 344 29.38 1.32 2.33
CA ASP B 344 30.70 1.80 2.67
C ASP B 344 31.23 2.78 1.65
N ARG B 345 30.79 2.61 0.41
CA ARG B 345 31.27 3.23 -0.81
C ARG B 345 30.65 4.60 -1.07
N VAL B 346 29.34 4.72 -0.84
CA VAL B 346 28.71 6.03 -0.75
C VAL B 346 29.42 6.88 0.30
N ARG B 347 29.67 6.30 1.48
CA ARG B 347 30.22 7.06 2.59
C ARG B 347 31.67 7.47 2.33
N ASP B 348 32.49 6.57 1.77
CA ASP B 348 33.92 6.79 1.67
C ASP B 348 34.38 7.21 0.27
N ASP B 349 33.59 6.97 -0.76
CA ASP B 349 34.04 7.21 -2.14
C ASP B 349 33.08 8.15 -2.87
N LEU B 350 31.87 7.70 -3.21
CA LEU B 350 31.01 8.49 -4.08
C LEU B 350 30.45 9.72 -3.39
N GLY B 351 30.15 9.61 -2.10
CA GLY B 351 29.64 10.73 -1.35
C GLY B 351 30.60 11.91 -1.32
N PRO B 352 31.81 11.68 -0.83
CA PRO B 352 32.83 12.75 -0.87
C PRO B 352 33.13 13.23 -2.27
N TYR B 353 33.11 12.34 -3.26
CA TYR B 353 33.40 12.77 -4.63
C TYR B 353 32.30 13.67 -5.16
N LEU B 354 31.03 13.28 -4.95
CA LEU B 354 29.92 14.15 -5.27
C LEU B 354 30.06 15.50 -4.59
N ALA B 355 30.40 15.49 -3.30
CA ALA B 355 30.47 16.72 -2.52
C ALA B 355 31.42 17.74 -3.16
N GLU B 356 32.61 17.29 -3.56
CA GLU B 356 33.57 18.22 -4.15
C GLU B 356 33.12 18.68 -5.54
N ARG B 357 32.61 17.76 -6.35
CA ARG B 357 32.12 18.14 -7.67
C ARG B 357 30.87 19.01 -7.55
N TRP B 358 30.00 18.67 -6.60
CA TRP B 358 28.80 19.46 -6.36
C TRP B 358 29.15 20.87 -5.90
N ALA B 359 30.17 21.00 -5.05
CA ALA B 359 30.57 22.30 -4.53
C ALA B 359 31.14 23.21 -5.60
N SER B 360 31.55 22.67 -6.74
CA SER B 360 32.01 23.52 -7.84
C SER B 360 30.89 24.34 -8.45
N LEU B 361 29.64 24.09 -8.07
CA LEU B 361 28.50 24.85 -8.58
C LEU B 361 28.15 26.05 -7.72
N VAL B 362 28.82 26.26 -6.58
CA VAL B 362 28.44 27.35 -5.68
C VAL B 362 28.76 28.71 -6.30
N ASP B 363 29.75 28.77 -7.20
CA ASP B 363 30.14 30.02 -7.83
C ASP B 363 29.30 30.35 -9.06
N HIS B 364 28.29 29.54 -9.37
CA HIS B 364 27.44 29.84 -10.52
C HIS B 364 26.59 31.09 -10.23
N PRO B 365 26.26 31.86 -11.26
CA PRO B 365 25.53 33.11 -11.02
C PRO B 365 24.22 32.97 -10.25
N ILE B 366 23.54 31.82 -10.29
CA ILE B 366 22.23 31.71 -9.66
C ILE B 366 22.18 30.63 -8.59
N VAL B 367 23.32 30.13 -8.13
CA VAL B 367 23.36 29.13 -7.07
C VAL B 367 23.69 29.84 -5.76
N GLY B 368 22.71 29.90 -4.86
CA GLY B 368 22.91 30.53 -3.57
C GLY B 368 23.43 29.59 -2.50
N GLU B 369 23.23 28.29 -2.70
CA GLU B 369 23.75 27.29 -1.77
C GLU B 369 23.81 25.94 -2.48
N ALA B 370 24.83 25.16 -2.16
CA ALA B 370 24.95 23.77 -2.60
C ALA B 370 25.22 22.91 -1.39
N ARG B 371 24.45 21.84 -1.22
CA ARG B 371 24.59 20.96 -0.08
C ARG B 371 24.42 19.51 -0.51
N SER B 372 25.13 18.61 0.15
CA SER B 372 25.00 17.20 -0.13
C SER B 372 25.39 16.39 1.10
N LEU B 373 24.88 15.17 1.16
CA LEU B 373 25.23 14.21 2.20
C LEU B 373 25.05 12.84 1.57
N GLY B 374 26.10 12.02 1.64
CA GLY B 374 26.05 10.78 0.87
C GLY B 374 25.79 11.09 -0.58
N LEU B 375 24.79 10.42 -1.16
CA LEU B 375 24.37 10.69 -2.53
C LEU B 375 22.99 11.35 -2.57
N MET B 376 22.75 12.29 -1.67
CA MET B 376 21.63 13.21 -1.76
C MET B 376 22.20 14.62 -1.82
N GLY B 377 21.73 15.43 -2.77
CA GLY B 377 22.25 16.76 -2.94
C GLY B 377 21.14 17.72 -3.33
N ALA B 378 21.41 19.01 -3.08
CA ALA B 378 20.45 20.05 -3.41
C ALA B 378 21.18 21.34 -3.76
N LEU B 379 20.54 22.14 -4.62
CA LEU B 379 20.97 23.49 -4.93
C LEU B 379 19.84 24.47 -4.62
N GLU B 380 20.20 25.65 -4.14
CA GLU B 380 19.25 26.72 -3.87
C GLU B 380 19.46 27.79 -4.94
N LEU B 381 18.44 27.99 -5.79
CA LEU B 381 18.52 29.00 -6.83
C LEU B 381 18.10 30.35 -6.25
N VAL B 382 18.89 31.39 -6.52
CA VAL B 382 18.61 32.74 -6.03
C VAL B 382 18.82 33.72 -7.17
N ALA B 383 18.11 34.84 -7.10
CA ALA B 383 18.29 35.95 -8.04
C ALA B 383 19.41 36.88 -7.61
N ASP B 384 19.66 37.00 -6.31
CA ASP B 384 20.71 37.85 -5.77
C ASP B 384 21.51 37.04 -4.76
N LYS B 385 22.80 36.82 -5.06
CA LYS B 385 23.60 36.01 -4.15
C LYS B 385 23.96 36.75 -2.87
N THR B 386 24.16 38.07 -2.94
CA THR B 386 24.52 38.81 -1.75
C THR B 386 23.46 38.66 -0.68
N THR B 387 22.20 38.91 -1.03
CA THR B 387 21.09 38.85 -0.09
C THR B 387 20.42 37.49 -0.02
N GLY B 388 20.62 36.63 -1.03
CA GLY B 388 19.90 35.38 -1.08
C GLY B 388 18.49 35.49 -1.61
N GLN B 389 18.09 36.65 -2.12
CA GLN B 389 16.72 36.84 -2.58
C GLN B 389 16.37 35.84 -3.66
N ARG B 390 15.15 35.30 -3.58
CA ARG B 390 14.67 34.36 -4.58
C ARG B 390 14.20 35.09 -5.84
N PHE B 391 14.29 34.38 -6.96
CA PHE B 391 13.49 34.76 -8.12
C PHE B 391 12.02 34.77 -7.74
N ASP B 392 11.27 35.68 -8.35
CA ASP B 392 9.84 35.78 -8.07
C ASP B 392 9.16 34.44 -8.31
N LYS B 393 8.22 34.09 -7.43
CA LYS B 393 7.59 32.78 -7.50
C LYS B 393 6.97 32.51 -8.87
N SER B 394 6.36 33.53 -9.48
CA SER B 394 5.69 33.34 -10.75
C SER B 394 6.65 32.93 -11.87
N LEU B 395 7.94 33.18 -11.71
CA LEU B 395 8.90 32.84 -12.76
C LEU B 395 9.25 31.35 -12.79
N GLY B 396 8.95 30.62 -11.72
CA GLY B 396 9.22 29.19 -11.69
C GLY B 396 10.65 28.84 -12.03
N ALA B 397 11.60 29.50 -11.36
CA ALA B 397 13.02 29.25 -11.64
C ALA B 397 13.35 27.78 -11.52
N GLY B 398 12.84 27.12 -10.47
CA GLY B 398 13.18 25.72 -10.25
C GLY B 398 12.59 24.80 -11.32
N ASN B 399 11.32 25.00 -11.66
CA ASN B 399 10.70 24.18 -12.70
C ASN B 399 11.38 24.40 -14.04
N LEU B 400 11.79 25.64 -14.34
CA LEU B 400 12.51 25.91 -15.57
C LEU B 400 13.84 25.18 -15.60
N CYS B 401 14.60 25.27 -14.51
CA CYS B 401 15.85 24.53 -14.43
C CYS B 401 15.61 23.03 -14.56
N ARG B 402 14.55 22.52 -13.93
CA ARG B 402 14.21 21.10 -14.02
C ARG B 402 13.95 20.68 -15.46
N ASP B 403 13.13 21.46 -16.18
CA ASP B 403 12.82 21.10 -17.56
C ASP B 403 14.03 21.24 -18.46
N LEU B 404 14.88 22.23 -18.21
CA LEU B 404 16.10 22.38 -18.99
C LEU B 404 17.09 21.26 -18.69
N CYS B 405 17.12 20.76 -17.46
CA CYS B 405 17.94 19.59 -17.16
C CYS B 405 17.50 18.38 -17.97
N PHE B 406 16.20 18.10 -17.97
CA PHE B 406 15.69 16.97 -18.72
C PHE B 406 15.99 17.13 -20.20
N ALA B 407 15.83 18.34 -20.74
CA ALA B 407 16.16 18.61 -22.13
C ALA B 407 17.63 18.37 -22.43
N ASN B 408 18.51 18.59 -21.44
CA ASN B 408 19.93 18.33 -21.62
C ASN B 408 20.32 16.90 -21.27
N GLY B 409 19.37 16.06 -20.87
CA GLY B 409 19.64 14.69 -20.56
C GLY B 409 19.90 14.35 -19.11
N LEU B 410 19.31 15.09 -18.17
CA LEU B 410 19.49 14.83 -16.76
C LEU B 410 18.15 14.96 -16.03
N VAL B 411 17.81 13.95 -15.24
CA VAL B 411 16.69 14.05 -14.30
C VAL B 411 17.23 14.69 -13.02
N MET B 412 16.83 15.94 -12.78
CA MET B 412 17.07 16.62 -11.52
C MET B 412 15.81 17.40 -11.18
N ARG B 413 15.20 17.08 -10.04
CA ARG B 413 13.88 17.59 -9.72
C ARG B 413 13.95 18.93 -8.99
N SER B 414 12.81 19.61 -8.93
CA SER B 414 12.67 20.90 -8.30
C SER B 414 11.59 20.85 -7.23
N VAL B 415 11.89 21.37 -6.05
CA VAL B 415 10.91 21.63 -5.02
C VAL B 415 10.91 23.15 -4.84
N GLY B 416 9.91 23.81 -5.39
CA GLY B 416 9.98 25.26 -5.53
C GLY B 416 11.23 25.62 -6.30
N ASP B 417 12.10 26.42 -5.69
CA ASP B 417 13.36 26.84 -6.29
C ASP B 417 14.56 26.08 -5.73
N THR B 418 14.32 24.87 -5.22
CA THR B 418 15.38 23.98 -4.76
C THR B 418 15.50 22.83 -5.74
N MET B 419 16.70 22.63 -6.29
CA MET B 419 17.00 21.49 -7.14
C MET B 419 17.51 20.35 -6.27
N ILE B 420 17.13 19.10 -6.60
CA ILE B 420 17.48 17.95 -5.79
C ILE B 420 17.95 16.81 -6.69
N ILE B 421 18.90 16.01 -6.19
CA ILE B 421 19.35 14.80 -6.87
C ILE B 421 19.44 13.68 -5.84
N SER B 422 19.28 12.46 -6.32
CA SER B 422 19.35 11.25 -5.51
C SER B 422 19.71 10.08 -6.44
N PRO B 423 20.91 10.05 -6.99
CA PRO B 423 21.23 9.08 -8.05
C PRO B 423 21.39 7.69 -7.49
N PRO B 424 21.42 6.66 -8.35
CA PRO B 424 21.69 5.31 -7.86
C PRO B 424 23.01 5.26 -7.11
N LEU B 425 23.06 4.42 -6.09
CA LEU B 425 24.25 4.32 -5.24
C LEU B 425 25.42 3.67 -5.97
N VAL B 426 25.19 3.07 -7.14
CA VAL B 426 26.25 2.47 -7.93
C VAL B 426 26.70 3.40 -9.05
N ILE B 427 26.33 4.68 -8.99
CA ILE B 427 26.75 5.62 -10.02
C ILE B 427 28.27 5.68 -10.05
N ARG B 428 28.83 5.77 -11.25
CA ARG B 428 30.27 5.84 -11.41
C ARG B 428 30.73 7.29 -11.31
N ARG B 429 32.02 7.46 -11.01
CA ARG B 429 32.58 8.79 -10.87
C ARG B 429 32.47 9.57 -12.17
N GLU B 430 32.73 8.92 -13.31
CA GLU B 430 32.56 9.59 -14.59
C GLU B 430 31.11 9.98 -14.81
N GLU B 431 30.17 9.18 -14.29
CA GLU B 431 28.75 9.53 -14.40
C GLU B 431 28.37 10.68 -13.46
N ILE B 432 29.02 10.78 -12.30
CA ILE B 432 28.83 11.96 -11.47
C ILE B 432 29.35 13.21 -12.18
N ASP B 433 30.50 13.08 -12.84
CA ASP B 433 31.03 14.19 -13.63
C ASP B 433 30.02 14.66 -14.67
N GLU B 434 29.45 13.72 -15.42
CA GLU B 434 28.45 14.08 -16.43
C GLU B 434 27.27 14.79 -15.79
N LEU B 435 26.83 14.31 -14.62
CA LEU B 435 25.69 14.92 -13.93
C LEU B 435 25.93 16.40 -13.65
N VAL B 436 27.07 16.72 -13.02
CA VAL B 436 27.34 18.10 -12.66
C VAL B 436 27.49 18.98 -13.90
N GLU B 437 28.16 18.46 -14.93
CA GLU B 437 28.30 19.22 -16.17
C GLU B 437 26.93 19.54 -16.78
N LEU B 438 26.05 18.54 -16.84
CA LEU B 438 24.72 18.78 -17.39
C LEU B 438 23.94 19.74 -16.50
N ALA B 439 24.10 19.63 -15.18
CA ALA B 439 23.47 20.58 -14.27
C ALA B 439 23.92 22.01 -14.58
N ARG B 440 25.23 22.21 -14.73
CA ARG B 440 25.74 23.55 -14.98
C ARG B 440 25.20 24.10 -16.29
N ARG B 441 25.14 23.26 -17.33
CA ARG B 441 24.59 23.69 -18.61
C ARG B 441 23.16 24.16 -18.45
N ALA B 442 22.35 23.41 -17.70
CA ALA B 442 20.96 23.81 -17.48
C ALA B 442 20.90 25.08 -16.62
N LEU B 443 21.78 25.19 -15.63
CA LEU B 443 21.83 26.41 -14.83
C LEU B 443 22.20 27.61 -15.68
N ASP B 444 23.19 27.46 -16.56
CA ASP B 444 23.53 28.51 -17.51
C ASP B 444 22.32 28.94 -18.31
N GLU B 445 21.60 27.97 -18.90
CA GLU B 445 20.45 28.29 -19.73
C GLU B 445 19.31 28.86 -18.90
N THR B 446 19.16 28.42 -17.65
CA THR B 446 18.14 28.99 -16.77
C THR B 446 18.44 30.45 -16.47
N ALA B 447 19.68 30.75 -16.09
CA ALA B 447 20.04 32.12 -15.74
C ALA B 447 19.85 33.06 -16.93
N ARG B 448 20.26 32.61 -18.13
CA ARG B 448 20.12 33.46 -19.30
C ARG B 448 18.65 33.77 -19.58
N GLN B 449 17.78 32.75 -19.51
CA GLN B 449 16.38 32.95 -19.85
C GLN B 449 15.66 33.88 -18.88
N LEU B 450 16.01 33.84 -17.59
CA LEU B 450 15.34 34.68 -16.61
C LEU B 450 15.90 36.09 -16.53
N THR B 451 17.07 36.35 -17.11
CA THR B 451 17.66 37.69 -17.08
C THR B 451 17.87 38.21 -18.50
#